data_7TRQ
#
_entry.id   7TRQ
#
_cell.length_a   1.00
_cell.length_b   1.00
_cell.length_c   1.00
_cell.angle_alpha   90.00
_cell.angle_beta   90.00
_cell.angle_gamma   90.00
#
_symmetry.space_group_name_H-M   'P 1'
#
loop_
_entity.id
_entity.type
_entity.pdbx_description
1 polymer 'Muscarinic acetylcholine receptor M4'
2 polymer 'Guanine nucleotide-binding protein G(I)/G(S)/G(T) subunit beta-1'
3 polymer 'Guanine nucleotide-binding protein G(I)/G(S)/G(O) subunit gamma-2'
4 polymer 'Antibody fragment scFv16'
5 polymer 'Guanine nucleotide-binding protein G(i) subunit alpha-1'
6 non-polymer 4-(4,5-dihydro-1,2-oxazol-3-yloxy)-N,N,N-trimethylbut-2-yn-1-aminium
7 non-polymer 5-amino-3,4-dimethyl-N-{[4-(trifluoromethanesulfonyl)phenyl]methyl}thieno[2,3-c]pyridazine-6-carboxamide
#
loop_
_entity_poly.entity_id
_entity_poly.type
_entity_poly.pdbx_seq_one_letter_code
_entity_poly.pdbx_strand_id
1 'polypeptide(L)'
;DYKDDDDAMANFTPVNGSSGNQSVRLVTSSSHNRYETVEMVFIATVTGSLSLVTVVGNILVMLSIKVNRQLQTVNNYFLF
SLACADLIIGAFSMNLYTVYIIKGYWPLGAVVCDLWLALDYVVSNASVMNLLIISFDRYFCVTKPLTYPARRTTKMAGLM
IAAAWVLSFVLWAPAILFWQFVVGKRTVPDNQCFIQFLSNPAVTFGTAIAAFYLPVVIMTVLYIHISLASRSRVHKHRPE
GPKEKKAKTKRQMAARERKVTRTIFAILLAFILTWTPYNVMVLVNTFCQSCIPDTVWSIGYWLCYVNSTINPACYALCNA
TFKKTFRHLLLCQYRNIGTARHHHHHHHH
;
R
2 'polypeptide(L)'
;HHHHHHGSSGSELDQLRQEAEQLKNQIRDARKACADATLSQITNNIDPVGRIQMRTRRTLRGHLAKIYAMHWGTDSRLLV
SASQDGKLIIWDSYTTNKVHAIPLRSSWVMTCAYAPSGNYVACGGLDNICSIYNLKTREGNVRVSRELAGHTGYLSCCRF
LDDNQIVTSSGDTTCALWDIETGQQTTTFTGHTGDVMSLSLAPDTRLFVSGACDASAKLWDVREGMCRQTFTGHESDINA
ICFFPNGNAFATGSDDATCRLFDLRADQELMTYSHDNIICGITSVSFSKSGRLLLAGYDDFNCNVWDALKADRAGVLAGH
DNRVSCLGVTDDGMAVATGSWDSFLKIWN
;
B
3 'polypeptide(L)' ASNNTASIAQARKLVEQLKMEANIDRIKVSKAAADLMAYCEAHAKEDPLLTPVPASENPFREKKFFCAIL G
4 'polypeptide(L)'
;DVQLVESGGGLVQPGGSRKLSCSASGFAFSSFGMHWVRQAPEKGLEWVAYISSGSGTIYYADTVKGRFTISRDDPKNTLF
LQMTSLRSEDTAMYYCVRSIYYYGSSPFDFWGQGTTLTVSSGGGGSGGGGSGGGGSDIVMTQATSSVPVTPGESVSISCR
SSKSLLHSNGNTYLYWFLQRPGQSPQLLIYRMSNLASGVPDRFSGSGSGTAFTLTISRLEAEDVGVYYCMQHLEYPLTFG
AGTKLELK
;
H
5 'polypeptide(L)'
;MGCTLSAEDKAAVERSKMIDRNLREDGEKAAREVKLLLLGAGESGKNTIVKQMKIIHEAGYSEEECKQYKAVVYSNTIQS
IIAIIRAMGRLKIDFGDSARADDARQLFVLAGAAEEGFMTAELAGVIKRLWKDSGVQACFNRSREYQLNDSAAYYLNDLD
RIAQPNYIPTQQDVLRTRVKTTGIVETHFTFKDLHFKMFDVGAQRSERKKWIHCFEGVTAIIFCVALSDYDLVLAEDEEM
NRMHASMKLFDSICNNKWFTDTSIILFLNKKDLFEEKIKKSPLTICYPEYAGSNTYEEAAAYIQCQFEDLNKRKDTKEIY
THFTCSTDTKNVQFVFDAVTDVIIKNNLKDCGLF
;
A
#
loop_
_chem_comp.id
_chem_comp.type
_chem_comp.name
_chem_comp.formula
IUI non-polymer 5-amino-3,4-dimethyl-N-{[4-(trifluoromethanesulfonyl)phenyl]methyl}thieno[2,3-c]pyridazine-6-carboxamide 'C17 H15 F3 N4 O3 S2'
IXO non-polymer 4-(4,5-dihydro-1,2-oxazol-3-yloxy)-N,N,N-trimethylbut-2-yn-1-aminium 'C10 H17 N2 O2 1'
#
# COMPACT_ATOMS: atom_id res chain seq x y z
N GLU A 39 -29.80 30.69 44.88
CA GLU A 39 -29.45 29.37 44.38
C GLU A 39 -28.00 29.32 43.93
N MET A 40 -27.10 29.07 44.89
CA MET A 40 -25.68 29.07 44.57
C MET A 40 -25.23 27.75 43.97
N VAL A 41 -25.71 26.63 44.49
CA VAL A 41 -25.17 25.33 44.09
C VAL A 41 -25.71 24.91 42.72
N PHE A 42 -26.82 25.50 42.26
CA PHE A 42 -27.32 25.24 40.91
C PHE A 42 -26.36 25.78 39.84
N ILE A 43 -25.75 26.94 40.10
CA ILE A 43 -24.76 27.52 39.19
C ILE A 43 -23.56 26.57 39.03
N ALA A 44 -23.16 25.95 40.14
CA ALA A 44 -22.07 24.97 40.09
C ALA A 44 -22.43 23.77 39.23
N THR A 45 -23.69 23.31 39.31
CA THR A 45 -24.14 22.18 38.49
C THR A 45 -24.17 22.52 37.00
N VAL A 46 -24.73 23.69 36.63
CA VAL A 46 -24.79 24.03 35.21
C VAL A 46 -23.39 24.29 34.64
N THR A 47 -22.51 24.94 35.40
CA THR A 47 -21.15 25.17 34.90
C THR A 47 -20.33 23.88 34.88
N GLY A 48 -20.63 22.93 35.78
CA GLY A 48 -20.01 21.62 35.69
C GLY A 48 -20.48 20.85 34.48
N SER A 49 -21.78 20.98 34.15
CA SER A 49 -22.29 20.39 32.92
C SER A 49 -21.65 21.01 31.68
N LEU A 50 -21.40 22.32 31.72
CA LEU A 50 -20.69 22.99 30.62
C LEU A 50 -19.27 22.46 30.46
N SER A 51 -18.56 22.31 31.59
CA SER A 51 -17.24 21.68 31.58
C SER A 51 -17.30 20.25 31.03
N LEU A 52 -18.36 19.51 31.38
CA LEU A 52 -18.54 18.15 30.89
C LEU A 52 -18.75 18.12 29.38
N VAL A 53 -19.54 19.07 28.85
CA VAL A 53 -19.75 19.20 27.41
C VAL A 53 -18.43 19.50 26.71
N THR A 54 -17.61 20.38 27.31
CA THR A 54 -16.31 20.74 26.73
C THR A 54 -15.37 19.53 26.66
N VAL A 55 -15.22 18.81 27.78
CA VAL A 55 -14.31 17.67 27.80
C VAL A 55 -14.83 16.53 26.92
N VAL A 56 -16.15 16.34 26.84
CA VAL A 56 -16.68 15.22 26.07
C VAL A 56 -16.60 15.51 24.57
N GLY A 57 -16.81 16.77 24.17
CA GLY A 57 -16.62 17.15 22.79
C GLY A 57 -15.17 17.05 22.33
N ASN A 58 -14.24 17.50 23.18
CA ASN A 58 -12.85 17.48 22.75
C ASN A 58 -12.27 16.06 22.75
N ILE A 59 -12.66 15.24 23.73
CA ILE A 59 -12.26 13.84 23.74
C ILE A 59 -12.90 13.09 22.57
N LEU A 60 -14.12 13.47 22.17
CA LEU A 60 -14.72 12.79 21.02
C LEU A 60 -14.14 13.27 19.71
N VAL A 61 -13.50 14.44 19.69
CA VAL A 61 -12.78 14.86 18.49
C VAL A 61 -11.46 14.11 18.37
N MET A 62 -10.75 13.96 19.49
CA MET A 62 -9.51 13.16 19.48
C MET A 62 -9.79 11.70 19.14
N LEU A 63 -10.88 11.14 19.66
CA LEU A 63 -11.28 9.77 19.30
C LEU A 63 -11.71 9.67 17.85
N SER A 64 -12.35 10.71 17.30
CA SER A 64 -12.68 10.71 15.88
C SER A 64 -11.43 10.71 15.01
N ILE A 65 -10.40 11.46 15.41
CA ILE A 65 -9.15 11.45 14.65
C ILE A 65 -8.45 10.10 14.75
N LYS A 66 -8.48 9.46 15.92
CA LYS A 66 -7.70 8.23 16.05
C LYS A 66 -8.42 6.98 15.58
N VAL A 67 -9.71 6.82 15.92
CA VAL A 67 -10.49 5.67 15.47
C VAL A 67 -10.59 5.62 13.95
N ASN A 68 -10.93 6.75 13.33
CA ASN A 68 -11.13 6.78 11.88
C ASN A 68 -9.80 6.96 11.17
N ARG A 69 -9.51 6.05 10.23
CA ARG A 69 -8.29 6.14 9.46
C ARG A 69 -8.35 7.26 8.43
N GLN A 70 -9.54 7.55 7.90
CA GLN A 70 -9.71 8.50 6.81
C GLN A 70 -9.63 9.95 7.27
N LEU A 71 -9.53 10.21 8.57
CA LEU A 71 -9.42 11.56 9.08
C LEU A 71 -8.02 11.90 9.59
N GLN A 72 -7.07 10.97 9.49
CA GLN A 72 -5.71 11.22 9.96
C GLN A 72 -4.94 11.93 8.85
N THR A 73 -5.18 13.24 8.76
CA THR A 73 -4.56 14.08 7.75
C THR A 73 -3.68 15.13 8.44
N VAL A 74 -2.89 15.82 7.62
CA VAL A 74 -2.05 16.91 8.13
C VAL A 74 -2.93 18.06 8.61
N ASN A 75 -4.08 18.29 7.97
CA ASN A 75 -5.00 19.33 8.40
C ASN A 75 -5.62 19.03 9.76
N ASN A 76 -5.73 17.77 10.13
CA ASN A 76 -6.40 17.39 11.36
C ASN A 76 -5.48 17.36 12.57
N TYR A 77 -4.17 17.48 12.37
CA TYR A 77 -3.25 17.58 13.49
C TYR A 77 -3.45 18.89 14.26
N PHE A 78 -3.73 19.97 13.53
CA PHE A 78 -4.02 21.24 14.17
C PHE A 78 -5.32 21.17 14.98
N LEU A 79 -6.31 20.45 14.46
CA LEU A 79 -7.55 20.23 15.20
C LEU A 79 -7.32 19.39 16.45
N PHE A 80 -6.42 18.39 16.34
CA PHE A 80 -6.01 17.59 17.49
C PHE A 80 -5.40 18.46 18.60
N SER A 81 -4.41 19.28 18.23
CA SER A 81 -3.77 20.20 19.18
C SER A 81 -4.75 21.18 19.80
N LEU A 82 -5.66 21.72 18.99
CA LEU A 82 -6.68 22.65 19.48
C LEU A 82 -7.64 21.97 20.45
N ALA A 83 -8.02 20.72 20.16
CA ALA A 83 -8.90 19.99 21.05
C ALA A 83 -8.18 19.59 22.34
N CYS A 84 -6.86 19.42 22.30
CA CYS A 84 -6.13 19.16 23.55
C CYS A 84 -6.08 20.40 24.43
N ALA A 85 -5.84 21.57 23.82
CA ALA A 85 -5.87 22.82 24.59
C ALA A 85 -7.25 23.09 25.18
N ASP A 86 -8.31 22.87 24.38
CA ASP A 86 -9.66 23.06 24.90
C ASP A 86 -10.04 22.01 25.93
N LEU A 87 -9.44 20.81 25.85
CA LEU A 87 -9.64 19.81 26.89
C LEU A 87 -9.04 20.27 28.22
N ILE A 88 -7.82 20.82 28.17
CA ILE A 88 -7.18 21.37 29.37
C ILE A 88 -8.03 22.49 29.97
N ILE A 89 -8.52 23.40 29.13
CA ILE A 89 -9.36 24.52 29.58
C ILE A 89 -10.65 24.01 30.22
N GLY A 90 -11.31 23.04 29.58
CA GLY A 90 -12.54 22.52 30.14
C GLY A 90 -12.33 21.74 31.43
N ALA A 91 -11.29 20.92 31.49
CA ALA A 91 -11.06 20.06 32.65
C ALA A 91 -10.61 20.85 33.88
N PHE A 92 -9.68 21.79 33.72
CA PHE A 92 -9.06 22.40 34.90
C PHE A 92 -9.43 23.86 35.11
N SER A 93 -9.35 24.69 34.07
CA SER A 93 -9.57 26.13 34.22
C SER A 93 -10.99 26.46 34.66
N MET A 94 -11.99 25.76 34.11
CA MET A 94 -13.38 26.06 34.43
C MET A 94 -13.72 25.74 35.89
N ASN A 95 -13.28 24.57 36.38
CA ASN A 95 -13.67 24.09 37.70
C ASN A 95 -13.17 24.97 38.84
N LEU A 96 -11.92 25.45 38.73
CA LEU A 96 -11.39 26.32 39.77
C LEU A 96 -12.06 27.69 39.72
N TYR A 97 -12.55 28.08 38.54
CA TYR A 97 -13.34 29.30 38.51
C TYR A 97 -14.73 29.07 39.07
N THR A 98 -15.23 27.83 39.05
CA THR A 98 -16.55 27.57 39.62
C THR A 98 -16.48 27.64 41.14
N VAL A 99 -15.47 27.02 41.74
CA VAL A 99 -15.32 27.14 43.19
C VAL A 99 -15.00 28.58 43.59
N TYR A 100 -14.26 29.31 42.74
CA TYR A 100 -13.97 30.72 42.97
C TYR A 100 -15.24 31.57 43.03
N ILE A 101 -16.13 31.39 42.05
CA ILE A 101 -17.35 32.21 42.03
C ILE A 101 -18.34 31.78 43.12
N ILE A 102 -18.46 30.48 43.42
CA ILE A 102 -19.42 30.07 44.45
C ILE A 102 -18.96 30.50 45.84
N LYS A 103 -17.67 30.32 46.15
CA LYS A 103 -17.17 30.77 47.46
C LYS A 103 -17.13 32.29 47.54
N GLY A 104 -16.74 32.96 46.45
CA GLY A 104 -16.61 34.39 46.40
C GLY A 104 -15.17 34.86 46.47
N TYR A 105 -14.33 34.13 47.19
CA TYR A 105 -12.92 34.44 47.35
C TYR A 105 -12.16 33.18 47.00
N TRP A 106 -10.84 33.33 46.87
CA TRP A 106 -9.95 32.22 46.53
C TRP A 106 -9.27 31.69 47.78
N PRO A 107 -9.73 30.58 48.37
CA PRO A 107 -9.14 30.08 49.62
C PRO A 107 -8.03 29.06 49.44
N LEU A 108 -7.84 28.53 48.22
CA LEU A 108 -6.85 27.49 47.95
C LEU A 108 -5.43 27.90 48.34
N GLY A 109 -5.05 29.13 48.04
CA GLY A 109 -3.73 29.59 48.38
C GLY A 109 -3.20 30.57 47.34
N ALA A 110 -1.94 30.96 47.52
CA ALA A 110 -1.30 31.90 46.62
C ALA A 110 -0.39 31.23 45.60
N VAL A 111 0.21 30.09 45.95
CA VAL A 111 1.04 29.35 44.99
C VAL A 111 0.16 28.68 43.93
N VAL A 112 -0.88 27.96 44.36
CA VAL A 112 -1.85 27.33 43.46
C VAL A 112 -2.59 28.37 42.62
N CYS A 113 -2.79 29.59 43.16
CA CYS A 113 -3.39 30.67 42.38
C CYS A 113 -2.49 31.08 41.21
N ASP A 114 -1.18 31.22 41.46
CA ASP A 114 -0.25 31.58 40.39
C ASP A 114 -0.11 30.45 39.38
N LEU A 115 -0.14 29.19 39.84
CA LEU A 115 -0.07 28.06 38.92
C LEU A 115 -1.32 27.98 38.05
N TRP A 116 -2.49 28.26 38.63
CA TRP A 116 -3.73 28.28 37.87
C TRP A 116 -3.74 29.40 36.84
N LEU A 117 -3.30 30.60 37.23
CA LEU A 117 -3.25 31.72 36.30
C LEU A 117 -2.29 31.44 35.14
N ALA A 118 -1.09 30.91 35.44
CA ALA A 118 -0.13 30.61 34.38
C ALA A 118 -0.64 29.52 33.46
N LEU A 119 -1.38 28.54 34.02
CA LEU A 119 -1.94 27.47 33.20
C LEU A 119 -3.04 27.98 32.28
N ASP A 120 -4.05 28.64 32.87
CA ASP A 120 -5.20 29.14 32.12
C ASP A 120 -4.76 30.09 31.03
N TYR A 121 -3.87 31.04 31.35
CA TYR A 121 -3.44 32.03 30.37
C TYR A 121 -2.61 31.40 29.25
N VAL A 122 -1.67 30.49 29.59
CA VAL A 122 -0.82 29.90 28.56
C VAL A 122 -1.63 29.00 27.62
N VAL A 123 -2.51 28.17 28.18
CA VAL A 123 -3.34 27.28 27.35
C VAL A 123 -4.33 28.07 26.49
N SER A 124 -4.95 29.12 27.06
CA SER A 124 -5.91 29.92 26.30
C SER A 124 -5.23 30.64 25.13
N ASN A 125 -4.03 31.19 25.38
CA ASN A 125 -3.27 31.80 24.29
C ASN A 125 -2.91 30.75 23.25
N ALA A 126 -2.58 29.53 23.69
CA ALA A 126 -2.24 28.46 22.75
C ALA A 126 -3.43 28.11 21.87
N SER A 127 -4.64 28.15 22.44
CA SER A 127 -5.85 27.94 21.66
C SER A 127 -6.01 29.00 20.58
N VAL A 128 -5.80 30.26 20.94
CA VAL A 128 -5.90 31.36 19.96
C VAL A 128 -4.83 31.22 18.87
N MET A 129 -3.61 30.82 19.26
CA MET A 129 -2.54 30.63 18.28
C MET A 129 -2.81 29.45 17.36
N ASN A 130 -3.38 28.36 17.89
CA ASN A 130 -3.82 27.24 17.05
C ASN A 130 -4.88 27.69 16.05
N LEU A 131 -5.78 28.58 16.47
CA LEU A 131 -6.75 29.12 15.51
C LEU A 131 -6.08 29.96 14.44
N LEU A 132 -5.05 30.71 14.84
CA LEU A 132 -4.32 31.54 13.88
C LEU A 132 -3.54 30.70 12.86
N ILE A 133 -2.95 29.59 13.30
CA ILE A 133 -2.23 28.78 12.33
C ILE A 133 -3.18 27.90 11.52
N ILE A 134 -4.40 27.66 12.01
CA ILE A 134 -5.41 27.02 11.17
C ILE A 134 -5.84 27.97 10.07
N SER A 135 -5.98 29.26 10.41
CA SER A 135 -6.29 30.29 9.42
C SER A 135 -5.19 30.42 8.37
N PHE A 136 -3.93 30.40 8.81
CA PHE A 136 -2.80 30.49 7.87
C PHE A 136 -2.73 29.27 6.96
N ASP A 137 -2.94 28.07 7.52
CA ASP A 137 -2.90 26.84 6.73
C ASP A 137 -4.02 26.82 5.69
N ARG A 138 -5.23 27.24 6.08
CA ARG A 138 -6.34 27.29 5.13
C ARG A 138 -6.10 28.34 4.05
N TYR A 139 -5.52 29.49 4.42
CA TYR A 139 -5.20 30.54 3.45
C TYR A 139 -4.22 30.04 2.40
N PHE A 140 -3.13 29.42 2.84
CA PHE A 140 -2.15 28.90 1.88
C PHE A 140 -2.70 27.74 1.06
N CYS A 141 -3.57 26.91 1.64
CA CYS A 141 -4.19 25.83 0.87
C CYS A 141 -5.08 26.37 -0.26
N VAL A 142 -5.90 27.37 0.03
CA VAL A 142 -6.79 27.91 -1.01
C VAL A 142 -6.02 28.74 -2.03
N THR A 143 -5.14 29.65 -1.55
CA THR A 143 -4.48 30.58 -2.46
C THR A 143 -3.44 29.90 -3.37
N LYS A 144 -2.72 28.91 -2.85
CA LYS A 144 -1.73 28.17 -3.65
C LYS A 144 -2.08 26.69 -3.59
N PRO A 145 -3.12 26.27 -4.32
CA PRO A 145 -3.58 24.88 -4.23
C PRO A 145 -2.64 23.86 -4.84
N LEU A 146 -1.72 24.27 -5.72
CA LEU A 146 -0.90 23.32 -6.46
C LEU A 146 0.48 23.13 -5.87
N THR A 147 0.94 24.04 -5.02
CA THR A 147 2.29 23.97 -4.47
C THR A 147 2.33 23.80 -2.97
N TYR A 148 1.42 24.44 -2.23
CA TYR A 148 1.46 24.43 -0.77
C TYR A 148 1.18 23.07 -0.12
N PRO A 149 0.18 22.26 -0.52
CA PRO A 149 0.07 20.92 0.08
C PRO A 149 1.19 19.97 -0.32
N ALA A 150 1.98 20.30 -1.34
CA ALA A 150 3.17 19.53 -1.65
C ALA A 150 4.32 19.86 -0.70
N ARG A 151 4.39 21.10 -0.22
CA ARG A 151 5.46 21.53 0.66
C ARG A 151 5.02 21.61 2.12
N ARG A 152 3.84 21.11 2.45
CA ARG A 152 3.38 21.04 3.83
C ARG A 152 3.51 19.58 4.28
N THR A 153 4.40 19.33 5.21
CA THR A 153 4.66 17.98 5.70
C THR A 153 4.07 17.83 7.09
N THR A 154 4.31 16.67 7.69
CA THR A 154 4.01 16.50 9.10
C THR A 154 5.07 17.18 9.97
N LYS A 155 6.27 17.39 9.42
CA LYS A 155 7.31 18.11 10.15
C LYS A 155 6.99 19.59 10.26
N MET A 156 6.40 20.17 9.22
CA MET A 156 6.02 21.58 9.28
C MET A 156 4.78 21.79 10.14
N ALA A 157 3.85 20.83 10.13
CA ALA A 157 2.69 20.90 11.02
C ALA A 157 3.10 20.79 12.49
N GLY A 158 4.01 19.87 12.79
CA GLY A 158 4.55 19.77 14.14
C GLY A 158 5.34 21.00 14.54
N LEU A 159 6.08 21.59 13.59
CA LEU A 159 6.83 22.81 13.85
C LEU A 159 5.91 23.97 14.17
N MET A 160 4.80 24.11 13.45
CA MET A 160 3.89 25.22 13.72
C MET A 160 3.07 25.01 14.98
N ILE A 161 2.72 23.77 15.31
CA ILE A 161 2.03 23.49 16.57
C ILE A 161 2.94 23.77 17.76
N ALA A 162 4.19 23.28 17.68
CA ALA A 162 5.19 23.56 18.70
C ALA A 162 5.47 25.05 18.83
N ALA A 163 5.55 25.76 17.70
CA ALA A 163 5.77 27.21 17.73
C ALA A 163 4.61 27.93 18.42
N ALA A 164 3.38 27.46 18.20
CA ALA A 164 2.22 28.07 18.85
C ALA A 164 2.26 27.88 20.36
N TRP A 165 2.52 26.65 20.82
CA TRP A 165 2.57 26.39 22.26
C TRP A 165 3.75 27.08 22.93
N VAL A 166 4.92 27.09 22.26
CA VAL A 166 6.10 27.76 22.79
C VAL A 166 5.88 29.27 22.88
N LEU A 167 5.27 29.87 21.85
CA LEU A 167 5.00 31.31 21.87
C LEU A 167 4.02 31.68 22.98
N SER A 168 2.98 30.86 23.18
CA SER A 168 2.04 31.13 24.27
C SER A 168 2.72 31.02 25.64
N PHE A 169 3.55 30.00 25.82
CA PHE A 169 4.25 29.80 27.09
C PHE A 169 5.21 30.96 27.37
N VAL A 170 6.02 31.34 26.37
CA VAL A 170 6.98 32.43 26.53
C VAL A 170 6.28 33.76 26.76
N LEU A 171 5.11 33.98 26.17
CA LEU A 171 4.50 35.28 26.32
C LEU A 171 3.66 35.39 27.59
N TRP A 172 3.24 34.27 28.18
CA TRP A 172 2.36 34.40 29.33
C TRP A 172 2.88 33.82 30.64
N ALA A 173 3.78 32.84 30.63
CA ALA A 173 4.14 32.22 31.91
C ALA A 173 5.16 33.01 32.73
N PRO A 174 6.36 33.40 32.21
CA PRO A 174 7.33 34.13 33.07
C PRO A 174 6.81 35.42 33.68
N ALA A 175 6.02 36.21 32.95
CA ALA A 175 5.59 37.50 33.49
C ALA A 175 4.60 37.32 34.63
N ILE A 176 3.78 36.26 34.59
CA ILE A 176 2.80 36.05 35.63
C ILE A 176 3.45 35.43 36.86
N LEU A 177 4.36 34.47 36.65
CA LEU A 177 5.05 33.87 37.78
C LEU A 177 5.99 34.86 38.47
N PHE A 178 6.68 35.73 37.72
CA PHE A 178 7.75 36.53 38.30
C PHE A 178 7.44 38.01 38.49
N TRP A 179 6.26 38.52 38.08
CA TRP A 179 5.96 39.94 38.24
C TRP A 179 6.02 40.42 39.69
N GLN A 180 5.59 39.58 40.64
CA GLN A 180 5.69 39.94 42.06
C GLN A 180 7.15 40.08 42.50
N PHE A 181 8.01 39.18 42.02
CA PHE A 181 9.43 39.25 42.35
C PHE A 181 10.11 40.45 41.72
N VAL A 182 9.72 40.81 40.48
CA VAL A 182 10.29 41.96 39.79
C VAL A 182 10.05 43.25 40.57
N VAL A 183 8.83 43.44 41.10
CA VAL A 183 8.57 44.58 41.97
C VAL A 183 8.87 44.27 43.43
N GLY A 184 9.25 43.03 43.75
CA GLY A 184 9.67 42.68 45.09
C GLY A 184 8.57 42.33 46.06
N LYS A 185 7.32 42.64 45.75
CA LYS A 185 6.21 42.36 46.65
C LYS A 185 5.03 41.80 45.86
N ARG A 186 4.08 41.23 46.59
CA ARG A 186 2.85 40.71 46.01
C ARG A 186 1.74 41.71 46.29
N THR A 187 1.33 42.45 45.25
CA THR A 187 0.27 43.43 45.40
C THR A 187 -1.10 42.77 45.46
N VAL A 188 -1.22 41.59 44.87
CA VAL A 188 -2.49 40.82 44.86
C VAL A 188 -2.86 40.44 46.28
N PRO A 189 -4.07 40.77 46.73
CA PRO A 189 -4.53 40.26 48.03
C PRO A 189 -4.68 38.74 47.98
N ASP A 190 -4.41 38.11 49.11
CA ASP A 190 -4.47 36.65 49.19
C ASP A 190 -5.88 36.12 48.91
N ASN A 191 -6.90 36.87 49.34
CA ASN A 191 -8.29 36.45 49.18
C ASN A 191 -8.71 36.33 47.72
N GLN A 192 -8.28 37.26 46.87
CA GLN A 192 -8.70 37.30 45.48
C GLN A 192 -7.56 36.89 44.57
N CYS A 193 -7.83 35.99 43.62
CA CYS A 193 -6.80 35.49 42.71
C CYS A 193 -6.93 36.18 41.35
N PHE A 194 -5.92 36.99 41.01
CA PHE A 194 -5.83 37.65 39.71
C PHE A 194 -4.37 38.01 39.48
N ILE A 195 -4.08 38.59 38.32
CA ILE A 195 -2.72 38.91 37.92
C ILE A 195 -2.33 40.27 38.46
N GLN A 196 -1.09 40.37 38.96
CA GLN A 196 -0.59 41.62 39.52
C GLN A 196 -0.41 42.70 38.46
N PHE A 197 0.07 42.33 37.26
CA PHE A 197 0.38 43.38 36.29
C PHE A 197 -0.83 43.84 35.49
N LEU A 198 -2.05 43.55 35.93
CA LEU A 198 -3.21 44.06 35.21
C LEU A 198 -3.41 45.55 35.44
N SER A 199 -2.79 46.12 36.47
CA SER A 199 -2.92 47.54 36.75
C SER A 199 -1.92 48.39 35.99
N ASN A 200 -0.85 47.77 35.48
CA ASN A 200 0.14 48.47 34.67
C ASN A 200 -0.37 48.67 33.25
N PRO A 201 -0.43 49.90 32.74
CA PRO A 201 -0.99 50.12 31.39
C PRO A 201 -0.16 49.54 30.27
N ALA A 202 1.16 49.72 30.30
CA ALA A 202 2.03 49.31 29.18
C ALA A 202 2.03 47.79 28.99
N VAL A 203 2.16 47.04 30.10
CA VAL A 203 2.19 45.59 30.03
C VAL A 203 0.84 45.03 29.57
N THR A 204 -0.26 45.60 30.07
CA THR A 204 -1.59 45.15 29.66
C THR A 204 -1.85 45.43 28.19
N PHE A 205 -1.47 46.61 27.71
CA PHE A 205 -1.63 46.91 26.30
C PHE A 205 -0.77 46.02 25.42
N GLY A 206 0.48 45.75 25.84
CA GLY A 206 1.33 44.85 25.07
C GLY A 206 0.78 43.43 24.99
N THR A 207 0.35 42.89 26.13
CA THR A 207 -0.22 41.54 26.16
C THR A 207 -1.54 41.46 25.40
N ALA A 208 -2.41 42.46 25.55
CA ALA A 208 -3.68 42.45 24.83
C ALA A 208 -3.49 42.58 23.33
N ILE A 209 -2.57 43.44 22.89
CA ILE A 209 -2.31 43.59 21.46
C ILE A 209 -1.71 42.31 20.88
N ALA A 210 -0.83 41.65 21.64
CA ALA A 210 -0.19 40.45 21.11
C ALA A 210 -1.12 39.23 21.16
N ALA A 211 -1.86 39.06 22.25
CA ALA A 211 -2.74 37.91 22.39
C ALA A 211 -4.00 38.03 21.52
N PHE A 212 -4.62 39.22 21.46
CA PHE A 212 -5.91 39.20 20.77
C PHE A 212 -6.06 40.20 19.63
N TYR A 213 -5.57 41.43 19.77
CA TYR A 213 -5.88 42.44 18.76
C TYR A 213 -5.05 42.33 17.49
N LEU A 214 -3.92 41.63 17.53
CA LEU A 214 -3.19 41.35 16.31
C LEU A 214 -3.63 40.01 15.69
N PRO A 215 -3.81 38.89 16.43
CA PRO A 215 -4.35 37.69 15.76
C PRO A 215 -5.76 37.84 15.23
N VAL A 216 -6.63 38.66 15.82
CA VAL A 216 -7.98 38.74 15.27
C VAL A 216 -7.99 39.52 13.96
N VAL A 217 -7.09 40.49 13.81
CA VAL A 217 -7.05 41.23 12.56
C VAL A 217 -6.36 40.41 11.48
N ILE A 218 -5.35 39.59 11.86
CA ILE A 218 -4.73 38.70 10.88
C ILE A 218 -5.71 37.62 10.43
N MET A 219 -6.48 37.05 11.37
CA MET A 219 -7.48 36.04 11.04
C MET A 219 -8.60 36.63 10.18
N THR A 220 -9.04 37.86 10.47
CA THR A 220 -10.09 38.49 9.68
C THR A 220 -9.63 38.73 8.24
N VAL A 221 -8.41 39.25 8.06
CA VAL A 221 -7.87 39.52 6.72
C VAL A 221 -7.70 38.21 5.94
N LEU A 222 -7.13 37.18 6.60
CA LEU A 222 -6.90 35.91 5.92
C LEU A 222 -8.21 35.22 5.55
N TYR A 223 -9.20 35.24 6.43
CA TYR A 223 -10.46 34.58 6.12
C TYR A 223 -11.26 35.34 5.06
N ILE A 224 -11.18 36.67 5.05
CA ILE A 224 -11.79 37.44 3.97
C ILE A 224 -11.17 37.08 2.62
N HIS A 225 -9.83 36.95 2.58
CA HIS A 225 -9.18 36.54 1.34
C HIS A 225 -9.48 35.08 0.98
N ILE A 226 -9.75 34.23 1.98
CA ILE A 226 -10.18 32.87 1.71
C ILE A 226 -11.55 32.86 1.06
N SER A 227 -12.47 33.70 1.56
CA SER A 227 -13.79 33.83 0.97
C SER A 227 -13.72 34.32 -0.48
N LEU A 228 -12.88 35.33 -0.75
CA LEU A 228 -12.74 35.82 -2.12
C LEU A 228 -12.09 34.78 -3.04
N ALA A 229 -11.05 34.09 -2.57
CA ALA A 229 -10.36 33.11 -3.39
C ALA A 229 -11.21 31.88 -3.71
N SER A 230 -12.13 31.51 -2.82
CA SER A 230 -12.91 30.28 -2.97
C SER A 230 -13.81 30.26 -4.20
N ARG A 231 -14.30 31.42 -4.65
CA ARG A 231 -15.20 31.47 -5.80
C ARG A 231 -14.54 30.95 -7.08
N SER A 232 -15.32 30.15 -7.82
CA SER A 232 -14.86 29.43 -9.01
C SER A 232 -14.61 30.39 -10.15
N ARG A 233 -13.33 30.65 -10.45
CA ARG A 233 -12.97 31.50 -11.58
C ARG A 233 -13.38 30.87 -12.91
N VAL A 234 -13.21 29.56 -13.05
CA VAL A 234 -13.57 28.86 -14.28
C VAL A 234 -15.08 28.71 -14.38
N ALA A 254 -22.92 31.36 -6.47
CA ALA A 254 -22.44 29.99 -6.41
C ALA A 254 -22.77 29.37 -5.05
N ALA A 255 -23.00 28.06 -5.05
CA ALA A 255 -23.30 27.39 -3.79
C ALA A 255 -22.05 27.21 -2.93
N ARG A 256 -20.91 26.96 -3.58
CA ARG A 256 -19.65 26.76 -2.86
C ARG A 256 -19.23 28.02 -2.11
N GLU A 257 -19.26 29.16 -2.81
CA GLU A 257 -18.85 30.43 -2.21
C GLU A 257 -19.75 30.82 -1.05
N ARG A 258 -21.07 30.70 -1.23
CA ARG A 258 -22.01 31.05 -0.16
C ARG A 258 -21.88 30.12 1.04
N LYS A 259 -21.66 28.82 0.80
CA LYS A 259 -21.50 27.87 1.90
C LYS A 259 -20.23 28.14 2.70
N VAL A 260 -19.11 28.36 1.99
CA VAL A 260 -17.88 28.61 2.72
C VAL A 260 -17.90 29.99 3.37
N THR A 261 -18.61 30.97 2.79
CA THR A 261 -18.70 32.28 3.43
C THR A 261 -19.57 32.24 4.67
N ARG A 262 -20.60 31.37 4.68
CA ARG A 262 -21.38 31.17 5.89
C ARG A 262 -20.53 30.52 6.99
N THR A 263 -19.67 29.57 6.60
CA THR A 263 -18.74 28.97 7.56
C THR A 263 -17.75 30.01 8.13
N ILE A 264 -17.22 30.87 7.26
CA ILE A 264 -16.27 31.91 7.69
C ILE A 264 -16.93 32.86 8.67
N PHE A 265 -18.15 33.32 8.34
CA PHE A 265 -18.87 34.26 9.18
C PHE A 265 -19.22 33.62 10.53
N ALA A 266 -19.55 32.33 10.53
CA ALA A 266 -19.86 31.63 11.77
C ALA A 266 -18.64 31.56 12.70
N ILE A 267 -17.51 31.09 12.18
CA ILE A 267 -16.33 30.92 13.05
C ILE A 267 -15.79 32.27 13.52
N LEU A 268 -15.85 33.30 12.66
CA LEU A 268 -15.36 34.61 13.04
C LEU A 268 -16.26 35.27 14.07
N LEU A 269 -17.59 35.08 13.93
CA LEU A 269 -18.52 35.60 14.92
C LEU A 269 -18.37 34.91 16.26
N ALA A 270 -18.09 33.60 16.26
CA ALA A 270 -17.85 32.89 17.51
C ALA A 270 -16.61 33.42 18.23
N PHE A 271 -15.50 33.56 17.49
CA PHE A 271 -14.26 34.06 18.09
C PHE A 271 -14.42 35.48 18.62
N ILE A 272 -15.11 36.35 17.86
CA ILE A 272 -15.31 37.73 18.30
C ILE A 272 -16.19 37.78 19.54
N LEU A 273 -17.37 37.16 19.49
CA LEU A 273 -18.34 37.22 20.59
C LEU A 273 -17.90 36.47 21.83
N THR A 274 -16.78 35.74 21.79
CA THR A 274 -16.29 35.15 23.02
C THR A 274 -15.04 35.85 23.55
N TRP A 275 -14.00 35.99 22.73
CA TRP A 275 -12.77 36.61 23.24
C TRP A 275 -12.88 38.11 23.47
N THR A 276 -13.65 38.85 22.66
CA THR A 276 -13.63 40.31 22.74
C THR A 276 -14.07 40.96 24.07
N PRO A 277 -15.16 40.54 24.76
CA PRO A 277 -15.57 41.27 26.00
C PRO A 277 -14.52 41.35 27.09
N TYR A 278 -13.83 40.25 27.36
CA TYR A 278 -12.76 40.24 28.36
C TYR A 278 -11.61 41.15 27.96
N ASN A 279 -11.20 41.07 26.69
CA ASN A 279 -10.08 41.87 26.23
C ASN A 279 -10.39 43.35 26.27
N VAL A 280 -11.68 43.70 26.17
CA VAL A 280 -12.08 45.09 26.36
C VAL A 280 -11.93 45.47 27.83
N MET A 281 -12.46 44.61 28.73
CA MET A 281 -12.43 44.89 30.17
C MET A 281 -11.01 45.06 30.69
N VAL A 282 -10.06 44.26 30.20
CA VAL A 282 -8.68 44.32 30.69
C VAL A 282 -8.07 45.69 30.42
N LEU A 283 -8.28 46.22 29.21
CA LEU A 283 -7.79 47.55 28.85
C LEU A 283 -8.49 48.65 29.64
N VAL A 284 -9.81 48.51 29.86
CA VAL A 284 -10.54 49.50 30.64
C VAL A 284 -10.05 49.52 32.10
N ASN A 285 -9.84 48.33 32.68
CA ASN A 285 -9.45 48.17 34.08
C ASN A 285 -8.15 48.88 34.43
N THR A 286 -7.12 48.76 33.57
CA THR A 286 -5.83 49.35 33.89
C THR A 286 -5.87 50.87 33.94
N PHE A 287 -6.86 51.50 33.31
CA PHE A 287 -7.06 52.94 33.44
C PHE A 287 -7.91 53.22 34.67
N CYS A 288 -9.15 52.71 34.69
CA CYS A 288 -10.06 52.86 35.82
C CYS A 288 -10.22 51.51 36.51
N GLN A 289 -9.64 51.38 37.72
CA GLN A 289 -9.66 50.10 38.43
C GLN A 289 -11.05 49.71 38.92
N SER A 290 -11.83 50.66 39.45
CA SER A 290 -13.10 50.34 40.06
C SER A 290 -14.28 50.29 39.09
N CYS A 291 -14.05 50.60 37.81
CA CYS A 291 -15.14 50.69 36.84
C CYS A 291 -15.85 49.35 36.63
N ILE A 292 -15.13 48.24 36.65
CA ILE A 292 -15.68 46.93 36.33
C ILE A 292 -16.02 46.21 37.63
N PRO A 293 -17.29 45.92 37.89
CA PRO A 293 -17.64 45.08 39.04
C PRO A 293 -17.36 43.62 38.74
N ASP A 294 -16.98 42.88 39.80
CA ASP A 294 -16.61 41.47 39.81
C ASP A 294 -17.49 40.54 38.97
N THR A 295 -18.79 40.82 38.95
CA THR A 295 -19.74 40.03 38.17
C THR A 295 -19.49 40.16 36.66
N VAL A 296 -19.12 41.36 36.21
CA VAL A 296 -18.82 41.58 34.80
C VAL A 296 -17.52 40.87 34.43
N TRP A 297 -16.54 40.90 35.34
CA TRP A 297 -15.27 40.20 35.17
C TRP A 297 -15.51 38.70 35.02
N SER A 298 -16.49 38.19 35.78
CA SER A 298 -16.83 36.77 35.73
C SER A 298 -17.49 36.42 34.41
N ILE A 299 -18.33 37.33 33.89
CA ILE A 299 -18.99 37.11 32.61
C ILE A 299 -17.94 37.01 31.49
N GLY A 300 -17.01 37.98 31.46
CA GLY A 300 -15.95 37.99 30.47
C GLY A 300 -15.09 36.73 30.46
N TYR A 301 -14.72 36.25 31.66
CA TYR A 301 -13.91 35.02 31.73
C TYR A 301 -14.71 33.81 31.31
N TRP A 302 -15.99 33.76 31.69
CA TRP A 302 -16.81 32.61 31.38
C TRP A 302 -17.01 32.50 29.87
N LEU A 303 -17.27 33.64 29.21
CA LEU A 303 -17.40 33.68 27.76
C LEU A 303 -16.12 33.17 27.10
N CYS A 304 -14.96 33.56 27.65
CA CYS A 304 -13.68 33.08 27.11
C CYS A 304 -13.60 31.56 27.20
N TYR A 305 -14.14 30.99 28.28
CA TYR A 305 -14.22 29.53 28.40
C TYR A 305 -15.19 28.92 27.37
N VAL A 306 -16.36 29.55 27.16
CA VAL A 306 -17.36 28.99 26.23
C VAL A 306 -16.81 28.91 24.81
N ASN A 307 -15.83 29.76 24.47
CA ASN A 307 -15.13 29.59 23.19
C ASN A 307 -14.54 28.19 23.04
N SER A 308 -13.85 27.72 24.08
CA SER A 308 -13.33 26.36 24.11
C SER A 308 -14.45 25.33 24.12
N THR A 309 -15.58 25.67 24.75
CA THR A 309 -16.74 24.76 24.71
C THR A 309 -17.26 24.56 23.28
N ILE A 310 -17.41 25.64 22.53
CA ILE A 310 -18.04 25.55 21.21
C ILE A 310 -17.05 25.32 20.07
N ASN A 311 -15.75 25.32 20.35
CA ASN A 311 -14.75 25.05 19.31
C ASN A 311 -14.89 23.72 18.54
N PRO A 312 -15.23 22.56 19.13
CA PRO A 312 -15.39 21.38 18.27
C PRO A 312 -16.68 21.33 17.46
N ALA A 313 -17.52 22.36 17.52
CA ALA A 313 -18.70 22.44 16.67
C ALA A 313 -18.44 23.26 15.42
N CYS A 314 -17.85 24.45 15.59
CA CYS A 314 -17.53 25.31 14.46
C CYS A 314 -16.43 24.73 13.59
N TYR A 315 -15.43 24.05 14.16
CA TYR A 315 -14.32 23.54 13.37
C TYR A 315 -14.45 22.08 12.97
N ALA A 316 -14.64 21.17 13.92
CA ALA A 316 -14.63 19.75 13.61
C ALA A 316 -15.88 19.31 12.87
N LEU A 317 -17.07 19.73 13.34
CA LEU A 317 -18.33 19.27 12.77
C LEU A 317 -18.55 19.71 11.33
N CYS A 318 -18.00 20.86 10.94
CA CYS A 318 -18.07 21.38 9.56
C CYS A 318 -17.66 20.33 8.51
N ASN A 319 -16.72 19.45 8.83
CA ASN A 319 -16.36 18.34 7.96
C ASN A 319 -17.25 17.14 8.30
N ALA A 320 -18.15 16.78 7.38
CA ALA A 320 -19.21 15.80 7.63
C ALA A 320 -18.70 14.41 8.01
N THR A 321 -17.44 14.10 7.68
CA THR A 321 -16.87 12.81 8.09
C THR A 321 -16.71 12.74 9.60
N PHE A 322 -16.34 13.87 10.22
CA PHE A 322 -16.36 13.98 11.67
C PHE A 322 -17.75 13.76 12.24
N LYS A 323 -18.78 14.26 11.54
CA LYS A 323 -20.16 14.05 12.01
C LYS A 323 -20.54 12.57 11.95
N LYS A 324 -20.14 11.89 10.86
CA LYS A 324 -20.36 10.46 10.74
C LYS A 324 -19.65 9.68 11.85
N THR A 325 -18.41 10.05 12.16
CA THR A 325 -17.67 9.35 13.20
C THR A 325 -18.18 9.71 14.60
N PHE A 326 -18.68 10.93 14.77
CA PHE A 326 -19.30 11.36 16.02
C PHE A 326 -20.56 10.57 16.32
N ARG A 327 -21.46 10.47 15.33
CA ARG A 327 -22.74 9.78 15.55
C ARG A 327 -22.54 8.28 15.69
N HIS A 328 -21.50 7.73 15.07
CA HIS A 328 -21.21 6.30 15.24
C HIS A 328 -20.62 6.01 16.62
N LEU A 329 -19.78 6.91 17.13
CA LEU A 329 -19.19 6.70 18.45
C LEU A 329 -20.17 6.98 19.58
N LEU A 330 -21.22 7.77 19.33
CA LEU A 330 -22.21 8.04 20.37
C LEU A 330 -23.15 6.86 20.57
N LEU A 331 -23.36 6.06 19.54
CA LEU A 331 -24.24 4.89 19.64
C LEU A 331 -23.41 3.61 19.66
N SER B 11 -32.51 -25.18 -42.31
CA SER B 11 -32.70 -25.09 -40.86
C SER B 11 -31.61 -25.86 -40.12
N GLU B 12 -30.39 -25.81 -40.68
CA GLU B 12 -29.25 -26.47 -40.05
C GLU B 12 -28.90 -25.81 -38.71
N LEU B 13 -29.05 -24.49 -38.62
CA LEU B 13 -28.79 -23.77 -37.37
C LEU B 13 -29.77 -24.20 -36.28
N ASP B 14 -31.06 -24.26 -36.61
CA ASP B 14 -32.08 -24.58 -35.61
C ASP B 14 -31.99 -26.03 -35.13
N GLN B 15 -31.70 -26.96 -36.05
CA GLN B 15 -31.60 -28.38 -35.66
C GLN B 15 -30.43 -28.62 -34.71
N LEU B 16 -29.32 -27.91 -34.89
CA LEU B 16 -28.21 -28.05 -33.95
C LEU B 16 -28.52 -27.38 -32.62
N ARG B 17 -29.37 -26.35 -32.62
CA ARG B 17 -29.82 -25.76 -31.36
C ARG B 17 -30.71 -26.73 -30.59
N GLN B 18 -31.60 -27.45 -31.30
CA GLN B 18 -32.41 -28.47 -30.64
C GLN B 18 -31.56 -29.63 -30.15
N GLU B 19 -30.55 -30.05 -30.93
CA GLU B 19 -29.64 -31.09 -30.48
C GLU B 19 -28.85 -30.66 -29.25
N ALA B 20 -28.44 -29.39 -29.20
CA ALA B 20 -27.77 -28.84 -28.03
C ALA B 20 -28.68 -28.85 -26.81
N GLU B 21 -29.93 -28.44 -26.98
CA GLU B 21 -30.90 -28.47 -25.88
C GLU B 21 -31.15 -29.89 -25.40
N GLN B 22 -31.22 -30.85 -26.33
CA GLN B 22 -31.39 -32.26 -25.96
C GLN B 22 -30.18 -32.78 -25.19
N LEU B 23 -28.98 -32.39 -25.61
CA LEU B 23 -27.77 -32.79 -24.87
C LEU B 23 -27.73 -32.17 -23.48
N LYS B 24 -28.15 -30.91 -23.35
CA LYS B 24 -28.24 -30.28 -22.03
C LYS B 24 -29.25 -31.01 -21.14
N ASN B 25 -30.38 -31.41 -21.71
CA ASN B 25 -31.37 -32.18 -20.96
C ASN B 25 -30.80 -33.53 -20.51
N GLN B 26 -30.02 -34.18 -21.39
CA GLN B 26 -29.39 -35.45 -21.05
C GLN B 26 -28.37 -35.29 -19.93
N ILE B 27 -27.56 -34.23 -19.99
CA ILE B 27 -26.58 -33.97 -18.93
C ILE B 27 -27.27 -33.67 -17.61
N ARG B 28 -28.35 -32.87 -17.63
CA ARG B 28 -29.07 -32.56 -16.39
C ARG B 28 -29.71 -33.82 -15.80
N ASP B 29 -30.27 -34.68 -16.64
CA ASP B 29 -30.86 -35.92 -16.15
C ASP B 29 -29.80 -36.88 -15.60
N ALA B 30 -28.65 -36.98 -16.27
CA ALA B 30 -27.56 -37.81 -15.77
C ALA B 30 -26.98 -37.27 -14.46
N ARG B 31 -27.02 -35.95 -14.26
CA ARG B 31 -26.59 -35.38 -12.99
C ARG B 31 -27.62 -35.64 -11.90
N LYS B 32 -28.91 -35.56 -12.24
CA LYS B 32 -29.96 -35.84 -11.27
C LYS B 32 -30.01 -37.32 -10.90
N ALA B 33 -29.57 -38.19 -11.81
CA ALA B 33 -29.55 -39.63 -11.53
C ALA B 33 -28.55 -39.97 -10.42
N CYS B 34 -27.38 -39.33 -10.41
CA CYS B 34 -26.31 -39.66 -9.49
C CYS B 34 -26.32 -38.80 -8.24
N ALA B 35 -27.49 -38.32 -7.81
CA ALA B 35 -27.61 -37.47 -6.64
C ALA B 35 -28.58 -38.12 -5.66
N ASP B 36 -28.16 -39.24 -5.08
CA ASP B 36 -28.99 -39.95 -4.11
C ASP B 36 -29.16 -39.17 -2.82
N ALA B 37 -28.10 -38.55 -2.32
CA ALA B 37 -28.13 -37.80 -1.08
C ALA B 37 -27.41 -36.47 -1.29
N THR B 38 -27.52 -35.60 -0.29
CA THR B 38 -26.78 -34.34 -0.30
C THR B 38 -25.54 -34.45 0.57
N LEU B 39 -24.69 -33.42 0.49
CA LEU B 39 -23.54 -33.34 1.39
C LEU B 39 -23.99 -33.01 2.81
N SER B 40 -25.06 -32.24 2.95
CA SER B 40 -25.58 -31.89 4.28
C SER B 40 -26.17 -33.09 5.00
N GLN B 41 -26.74 -34.04 4.26
CA GLN B 41 -27.32 -35.21 4.89
C GLN B 41 -26.27 -36.18 5.41
N ILE B 42 -25.06 -36.16 4.85
CA ILE B 42 -24.02 -37.08 5.27
C ILE B 42 -23.19 -36.50 6.40
N THR B 43 -22.84 -35.22 6.31
CA THR B 43 -22.08 -34.55 7.36
C THR B 43 -22.97 -33.92 8.42
N ASN B 44 -24.17 -34.46 8.62
CA ASN B 44 -25.06 -34.00 9.68
C ASN B 44 -24.68 -34.56 11.04
N ASN B 45 -23.83 -35.59 11.08
CA ASN B 45 -23.47 -36.25 12.32
C ASN B 45 -22.07 -35.91 12.81
N ILE B 46 -21.24 -35.32 11.97
CA ILE B 46 -19.90 -34.93 12.39
C ILE B 46 -19.98 -33.68 13.26
N ASP B 47 -18.99 -33.52 14.13
CA ASP B 47 -19.01 -32.41 15.07
C ASP B 47 -18.67 -31.11 14.35
N PRO B 48 -19.25 -30.00 14.77
CA PRO B 48 -18.85 -28.70 14.23
C PRO B 48 -17.46 -28.34 14.71
N VAL B 49 -16.80 -27.46 13.94
CA VAL B 49 -15.43 -27.05 14.28
C VAL B 49 -15.37 -26.09 15.44
N GLY B 50 -16.51 -25.62 15.95
CA GLY B 50 -16.52 -24.70 17.06
C GLY B 50 -16.51 -23.27 16.55
N ARG B 51 -15.76 -22.41 17.23
CA ARG B 51 -15.61 -21.03 16.82
C ARG B 51 -14.13 -20.78 16.54
N ILE B 52 -13.84 -20.18 15.38
CA ILE B 52 -12.48 -19.95 14.94
C ILE B 52 -12.16 -18.48 15.18
N GLN B 53 -11.29 -18.22 16.14
CA GLN B 53 -10.86 -16.87 16.47
C GLN B 53 -9.40 -16.72 16.05
N MET B 54 -9.18 -15.98 14.97
CA MET B 54 -7.85 -15.75 14.44
C MET B 54 -7.48 -14.28 14.64
N ARG B 55 -6.32 -14.06 15.22
CA ARG B 55 -5.85 -12.71 15.52
C ARG B 55 -4.80 -12.27 14.51
N THR B 56 -4.73 -10.96 14.30
CA THR B 56 -3.75 -10.37 13.40
C THR B 56 -2.37 -10.43 14.03
N ARG B 57 -1.55 -11.36 13.57
CA ARG B 57 -0.18 -11.48 14.07
C ARG B 57 0.72 -10.40 13.47
N ARG B 58 0.68 -10.22 12.16
CA ARG B 58 1.52 -9.26 11.47
C ARG B 58 0.66 -8.32 10.63
N THR B 59 1.16 -7.10 10.45
CA THR B 59 0.55 -6.13 9.54
C THR B 59 1.64 -5.62 8.62
N LEU B 60 1.54 -5.93 7.34
CA LEU B 60 2.52 -5.51 6.35
C LEU B 60 2.12 -4.15 5.80
N ARG B 61 2.98 -3.15 6.03
CA ARG B 61 2.72 -1.78 5.63
C ARG B 61 3.77 -1.34 4.61
N GLY B 62 3.37 -0.47 3.70
CA GLY B 62 4.28 -0.04 2.66
C GLY B 62 3.62 0.29 1.34
N HIS B 63 2.58 -0.47 0.98
CA HIS B 63 1.81 -0.17 -0.21
C HIS B 63 1.02 1.12 -0.01
N LEU B 64 0.99 1.96 -1.04
CA LEU B 64 0.34 3.26 -0.95
C LEU B 64 -0.96 3.35 -1.75
N ALA B 65 -1.40 2.27 -2.39
CA ALA B 65 -2.67 2.27 -3.12
C ALA B 65 -3.38 0.95 -2.80
N LYS B 66 -4.45 0.66 -3.53
CA LYS B 66 -5.18 -0.57 -3.32
C LYS B 66 -4.35 -1.78 -3.72
N ILE B 67 -4.37 -2.81 -2.88
CA ILE B 67 -3.71 -4.07 -3.15
C ILE B 67 -4.71 -4.96 -3.89
N TYR B 68 -4.31 -5.45 -5.06
CA TYR B 68 -5.23 -6.25 -5.86
C TYR B 68 -4.96 -7.75 -5.79
N ALA B 69 -3.73 -8.18 -5.51
CA ALA B 69 -3.46 -9.60 -5.40
C ALA B 69 -2.27 -9.84 -4.49
N MET B 70 -2.21 -11.05 -3.95
CA MET B 70 -1.02 -11.54 -3.28
C MET B 70 -0.88 -13.03 -3.58
N HIS B 71 0.33 -13.55 -3.36
CA HIS B 71 0.56 -14.97 -3.49
C HIS B 71 1.70 -15.38 -2.56
N TRP B 72 1.50 -16.50 -1.87
CA TRP B 72 2.52 -17.02 -0.97
C TRP B 72 3.57 -17.78 -1.75
N GLY B 73 4.80 -17.72 -1.27
CA GLY B 73 5.82 -18.64 -1.74
C GLY B 73 5.59 -20.03 -1.19
N THR B 74 6.23 -21.01 -1.83
CA THR B 74 6.06 -22.39 -1.37
C THR B 74 6.84 -22.70 -0.09
N ASP B 75 7.74 -21.81 0.33
CA ASP B 75 8.42 -21.99 1.60
C ASP B 75 7.61 -21.55 2.80
N SER B 76 6.46 -20.90 2.56
CA SER B 76 5.48 -20.41 3.53
C SER B 76 5.99 -19.23 4.34
N ARG B 77 7.08 -18.60 3.92
CA ARG B 77 7.60 -17.44 4.62
C ARG B 77 7.68 -16.19 3.76
N LEU B 78 7.78 -16.31 2.44
CA LEU B 78 7.93 -15.18 1.55
C LEU B 78 6.67 -15.04 0.72
N LEU B 79 6.20 -13.82 0.55
CA LEU B 79 4.97 -13.60 -0.21
C LEU B 79 5.09 -12.33 -1.05
N VAL B 80 4.74 -12.42 -2.31
CA VAL B 80 4.66 -11.27 -3.18
C VAL B 80 3.27 -10.65 -3.08
N SER B 81 3.20 -9.32 -3.12
CA SER B 81 1.93 -8.59 -3.16
C SER B 81 1.99 -7.53 -4.24
N ALA B 82 0.88 -7.39 -4.97
CA ALA B 82 0.74 -6.45 -6.07
C ALA B 82 -0.27 -5.37 -5.72
N SER B 83 0.12 -4.12 -5.86
CA SER B 83 -0.79 -3.00 -5.65
C SER B 83 -0.72 -2.07 -6.86
N GLN B 84 -1.73 -1.21 -6.97
CA GLN B 84 -1.82 -0.30 -8.11
C GLN B 84 -1.04 0.99 -7.92
N ASP B 85 -0.10 1.03 -6.98
CA ASP B 85 0.85 2.13 -6.96
C ASP B 85 1.99 1.86 -7.92
N GLY B 86 2.02 0.67 -8.51
CA GLY B 86 3.02 0.28 -9.48
C GLY B 86 4.19 -0.45 -8.88
N LYS B 87 3.98 -1.23 -7.84
CA LYS B 87 5.08 -1.83 -7.08
C LYS B 87 4.69 -3.22 -6.65
N LEU B 88 5.44 -4.22 -7.11
CA LEU B 88 5.41 -5.55 -6.50
C LEU B 88 6.32 -5.54 -5.30
N ILE B 89 5.81 -5.87 -4.12
CA ILE B 89 6.67 -6.00 -2.96
C ILE B 89 6.75 -7.47 -2.58
N ILE B 90 7.97 -7.95 -2.35
CA ILE B 90 8.20 -9.29 -1.84
C ILE B 90 8.62 -9.14 -0.40
N TRP B 91 7.82 -9.71 0.50
CA TRP B 91 7.99 -9.56 1.93
C TRP B 91 8.43 -10.88 2.56
N ASP B 92 8.96 -10.72 3.76
CA ASP B 92 9.29 -11.79 4.68
C ASP B 92 8.20 -11.67 5.75
N SER B 93 7.33 -12.69 5.83
CA SER B 93 6.20 -12.62 6.74
C SER B 93 6.64 -12.69 8.19
N TYR B 94 7.70 -13.46 8.48
CA TYR B 94 8.15 -13.69 9.85
C TYR B 94 8.64 -12.40 10.50
N THR B 95 9.38 -11.58 9.77
CA THR B 95 9.98 -10.38 10.34
C THR B 95 9.44 -9.07 9.79
N THR B 96 8.44 -9.11 8.91
CA THR B 96 7.84 -7.94 8.23
C THR B 96 8.90 -7.11 7.51
N ASN B 97 9.87 -7.78 6.91
CA ASN B 97 10.94 -7.11 6.18
C ASN B 97 10.64 -7.17 4.70
N LYS B 98 10.97 -6.10 4.00
CA LYS B 98 10.76 -6.05 2.56
C LYS B 98 12.00 -6.61 1.89
N VAL B 99 11.86 -7.80 1.32
CA VAL B 99 12.99 -8.42 0.61
C VAL B 99 13.22 -7.70 -0.71
N HIS B 100 12.15 -7.42 -1.45
CA HIS B 100 12.31 -6.77 -2.74
C HIS B 100 11.18 -5.78 -2.98
N ALA B 101 11.49 -4.74 -3.74
CA ALA B 101 10.48 -3.83 -4.28
C ALA B 101 10.75 -3.66 -5.76
N ILE B 102 9.80 -4.09 -6.58
CA ILE B 102 9.93 -4.14 -8.03
C ILE B 102 9.02 -3.08 -8.63
N PRO B 103 9.56 -2.08 -9.34
CA PRO B 103 8.70 -1.14 -10.03
C PRO B 103 8.15 -1.73 -11.32
N LEU B 104 6.85 -1.53 -11.55
CA LEU B 104 6.17 -2.07 -12.71
C LEU B 104 6.12 -1.03 -13.81
N ARG B 105 6.22 -1.50 -15.06
CA ARG B 105 6.11 -0.61 -16.20
C ARG B 105 4.70 -0.07 -16.34
N SER B 106 3.69 -0.92 -16.12
CA SER B 106 2.30 -0.51 -16.09
C SER B 106 1.77 -0.69 -14.67
N SER B 107 1.19 0.37 -14.12
CA SER B 107 0.75 0.35 -12.73
C SER B 107 -0.62 -0.26 -12.55
N TRP B 108 -1.29 -0.67 -13.64
CA TRP B 108 -2.63 -1.23 -13.55
C TRP B 108 -2.51 -2.75 -13.53
N VAL B 109 -2.23 -3.28 -12.35
CA VAL B 109 -1.96 -4.69 -12.15
C VAL B 109 -3.16 -5.29 -11.41
N MET B 110 -3.51 -6.51 -11.77
CA MET B 110 -4.63 -7.20 -11.16
C MET B 110 -4.29 -8.56 -10.61
N THR B 111 -3.11 -9.09 -10.90
CA THR B 111 -2.74 -10.41 -10.42
C THR B 111 -1.24 -10.47 -10.24
N CYS B 112 -0.81 -11.39 -9.39
CA CYS B 112 0.59 -11.67 -9.21
C CYS B 112 0.73 -13.14 -8.83
N ALA B 113 1.85 -13.73 -9.21
CA ALA B 113 2.13 -15.11 -8.92
C ALA B 113 3.59 -15.18 -8.54
N TYR B 114 3.95 -16.18 -7.74
CA TYR B 114 5.30 -16.42 -7.31
C TYR B 114 5.56 -17.87 -7.67
N ALA B 115 6.68 -18.16 -8.33
CA ALA B 115 6.95 -19.50 -8.83
C ALA B 115 7.23 -20.50 -7.71
N PRO B 116 6.92 -21.79 -7.91
CA PRO B 116 7.19 -22.79 -6.86
C PRO B 116 8.66 -22.97 -6.54
N SER B 117 9.55 -22.73 -7.50
CA SER B 117 10.97 -22.75 -7.21
C SER B 117 11.42 -21.53 -6.41
N GLY B 118 10.68 -20.44 -6.49
CA GLY B 118 11.06 -19.22 -5.82
C GLY B 118 11.91 -18.28 -6.63
N ASN B 119 12.27 -18.66 -7.86
CA ASN B 119 13.21 -17.87 -8.65
C ASN B 119 12.51 -16.76 -9.44
N TYR B 120 11.22 -16.86 -9.67
CA TYR B 120 10.52 -15.90 -10.51
C TYR B 120 9.23 -15.44 -9.84
N VAL B 121 8.82 -14.21 -10.18
CA VAL B 121 7.46 -13.77 -9.93
C VAL B 121 6.86 -13.35 -11.26
N ALA B 122 5.53 -13.28 -11.29
CA ALA B 122 4.82 -12.81 -12.47
C ALA B 122 3.79 -11.77 -12.04
N CYS B 123 3.44 -10.89 -12.98
CA CYS B 123 2.36 -9.94 -12.74
C CYS B 123 1.73 -9.57 -14.07
N GLY B 124 0.55 -8.96 -14.00
CA GLY B 124 -0.15 -8.56 -15.20
C GLY B 124 -1.44 -7.86 -14.84
N GLY B 125 -2.05 -7.26 -15.84
CA GLY B 125 -3.28 -6.51 -15.61
C GLY B 125 -3.87 -5.88 -16.85
N LEU B 126 -4.14 -4.58 -16.79
CA LEU B 126 -4.80 -3.86 -17.87
C LEU B 126 -3.89 -3.60 -19.07
N ASP B 127 -2.61 -3.96 -19.01
CA ASP B 127 -1.72 -3.84 -20.15
C ASP B 127 -1.76 -5.06 -21.06
N ASN B 128 -2.54 -6.09 -20.70
CA ASN B 128 -2.72 -7.34 -21.46
C ASN B 128 -1.40 -8.11 -21.63
N ILE B 129 -0.48 -7.97 -20.68
CA ILE B 129 0.85 -8.56 -20.75
C ILE B 129 1.15 -9.24 -19.43
N CYS B 130 1.66 -10.48 -19.50
CA CYS B 130 2.16 -11.17 -18.31
C CYS B 130 3.67 -10.97 -18.26
N SER B 131 4.16 -10.23 -17.28
CA SER B 131 5.58 -10.00 -17.09
C SER B 131 6.15 -10.99 -16.08
N ILE B 132 7.25 -11.62 -16.46
CA ILE B 132 7.98 -12.57 -15.63
C ILE B 132 9.28 -11.90 -15.19
N TYR B 133 9.46 -11.79 -13.88
CA TYR B 133 10.61 -11.15 -13.24
C TYR B 133 11.49 -12.20 -12.60
N ASN B 134 12.79 -12.13 -12.91
CA ASN B 134 13.80 -13.01 -12.34
C ASN B 134 14.27 -12.45 -11.01
N LEU B 135 14.25 -13.28 -9.96
CA LEU B 135 14.69 -12.84 -8.65
C LEU B 135 16.15 -13.17 -8.37
N LYS B 136 16.65 -14.30 -8.87
CA LYS B 136 18.02 -14.74 -8.59
C LYS B 136 18.93 -14.33 -9.75
N THR B 137 19.33 -13.08 -9.75
CA THR B 137 20.20 -12.54 -10.79
C THR B 137 21.58 -12.26 -10.21
N ARG B 138 22.60 -12.51 -11.04
CA ARG B 138 24.00 -12.28 -10.66
C ARG B 138 24.28 -10.83 -10.32
N GLU B 139 23.56 -9.89 -10.96
CA GLU B 139 23.78 -8.47 -10.76
C GLU B 139 23.15 -7.94 -9.48
N GLY B 140 22.34 -8.73 -8.79
CA GLY B 140 21.81 -8.35 -7.49
C GLY B 140 20.49 -7.61 -7.51
N ASN B 141 19.96 -7.26 -8.67
CA ASN B 141 18.67 -6.61 -8.78
C ASN B 141 17.65 -7.58 -9.39
N VAL B 142 16.42 -7.10 -9.55
CA VAL B 142 15.35 -7.87 -10.16
C VAL B 142 15.12 -7.34 -11.56
N ARG B 143 15.25 -8.21 -12.55
CA ARG B 143 15.09 -7.84 -13.95
C ARG B 143 13.83 -8.46 -14.54
N VAL B 144 13.28 -7.78 -15.55
CA VAL B 144 12.23 -8.37 -16.37
C VAL B 144 12.87 -9.48 -17.20
N SER B 145 12.49 -10.73 -16.95
CA SER B 145 13.02 -11.80 -17.77
C SER B 145 12.19 -12.05 -19.02
N ARG B 146 10.88 -11.83 -18.96
CA ARG B 146 10.06 -12.15 -20.11
C ARG B 146 8.79 -11.30 -20.10
N GLU B 147 8.31 -10.89 -21.28
CA GLU B 147 6.99 -10.31 -21.42
C GLU B 147 6.16 -11.17 -22.37
N LEU B 148 5.05 -11.71 -21.88
CA LEU B 148 4.16 -12.55 -22.65
C LEU B 148 2.99 -11.72 -23.12
N ALA B 149 2.91 -11.51 -24.44
CA ALA B 149 1.82 -10.76 -25.05
C ALA B 149 1.08 -11.68 -26.02
N GLY B 150 -0.20 -11.37 -26.22
CA GLY B 150 -1.03 -12.21 -27.06
C GLY B 150 -2.48 -12.24 -26.62
N HIS B 151 -2.73 -11.89 -25.37
CA HIS B 151 -4.09 -11.67 -24.90
C HIS B 151 -4.61 -10.33 -25.40
N THR B 152 -5.88 -10.31 -25.79
CA THR B 152 -6.50 -9.08 -26.26
C THR B 152 -7.42 -8.45 -25.20
N GLY B 153 -7.43 -8.98 -23.99
CA GLY B 153 -8.14 -8.38 -22.89
C GLY B 153 -7.25 -8.36 -21.66
N TYR B 154 -7.76 -7.73 -20.60
CA TYR B 154 -7.00 -7.57 -19.36
C TYR B 154 -6.68 -8.93 -18.76
N LEU B 155 -5.49 -9.05 -18.18
CA LEU B 155 -5.01 -10.33 -17.67
C LEU B 155 -5.40 -10.42 -16.19
N SER B 156 -6.28 -11.37 -15.89
CA SER B 156 -6.94 -11.40 -14.58
C SER B 156 -6.30 -12.35 -13.58
N CYS B 157 -5.65 -13.42 -14.04
CA CYS B 157 -4.99 -14.35 -13.13
C CYS B 157 -3.85 -15.03 -13.87
N CYS B 158 -2.82 -15.42 -13.13
CA CYS B 158 -1.70 -16.19 -13.67
C CYS B 158 -1.18 -17.12 -12.60
N ARG B 159 -0.78 -18.33 -13.01
CA ARG B 159 -0.21 -19.31 -12.09
C ARG B 159 0.91 -20.06 -12.77
N PHE B 160 2.04 -20.21 -12.08
CA PHE B 160 3.17 -20.96 -12.60
C PHE B 160 2.92 -22.45 -12.47
N LEU B 161 3.28 -23.20 -13.52
CA LEU B 161 3.35 -24.66 -13.40
C LEU B 161 4.74 -25.09 -12.97
N ASP B 162 5.75 -24.54 -13.62
CA ASP B 162 7.14 -24.70 -13.24
C ASP B 162 7.85 -23.42 -13.65
N ASP B 163 9.18 -23.47 -13.77
CA ASP B 163 9.93 -22.29 -14.15
C ASP B 163 9.74 -21.91 -15.62
N ASN B 164 9.22 -22.81 -16.46
CA ASN B 164 9.13 -22.56 -17.88
C ASN B 164 7.70 -22.46 -18.42
N GLN B 165 6.69 -22.89 -17.66
CA GLN B 165 5.31 -22.84 -18.12
C GLN B 165 4.46 -22.01 -17.17
N ILE B 166 3.52 -21.26 -17.75
CA ILE B 166 2.59 -20.47 -16.94
C ILE B 166 1.23 -20.47 -17.60
N VAL B 167 0.16 -20.50 -16.79
CA VAL B 167 -1.21 -20.46 -17.28
C VAL B 167 -1.83 -19.13 -16.87
N THR B 168 -2.35 -18.39 -17.85
CA THR B 168 -2.98 -17.10 -17.62
C THR B 168 -4.45 -17.16 -18.02
N SER B 169 -5.26 -16.36 -17.33
CA SER B 169 -6.64 -16.14 -17.72
C SER B 169 -6.82 -14.66 -18.04
N SER B 170 -7.77 -14.36 -18.92
CA SER B 170 -7.88 -13.01 -19.42
C SER B 170 -9.33 -12.63 -19.65
N GLY B 171 -9.55 -11.33 -19.82
CA GLY B 171 -10.84 -10.76 -20.14
C GLY B 171 -11.30 -10.95 -21.56
N ASP B 172 -10.49 -11.57 -22.42
CA ASP B 172 -10.90 -11.91 -23.78
C ASP B 172 -11.56 -13.27 -23.87
N THR B 173 -12.11 -13.76 -22.74
CA THR B 173 -12.82 -15.02 -22.57
C THR B 173 -11.97 -16.25 -22.87
N THR B 174 -10.64 -16.15 -22.76
CA THR B 174 -9.75 -17.27 -23.09
C THR B 174 -8.69 -17.43 -22.02
N CYS B 175 -8.28 -18.67 -21.79
CA CYS B 175 -7.10 -18.97 -21.00
C CYS B 175 -5.96 -19.38 -21.93
N ALA B 176 -4.74 -19.35 -21.41
CA ALA B 176 -3.59 -19.65 -22.26
C ALA B 176 -2.50 -20.31 -21.44
N LEU B 177 -1.87 -21.32 -22.02
CA LEU B 177 -0.68 -21.96 -21.46
C LEU B 177 0.52 -21.53 -22.29
N TRP B 178 1.49 -20.90 -21.63
CA TRP B 178 2.65 -20.28 -22.25
C TRP B 178 3.92 -21.04 -21.87
N ASP B 179 4.77 -21.23 -22.88
CA ASP B 179 6.18 -21.54 -22.69
C ASP B 179 6.92 -20.23 -22.49
N ILE B 180 7.61 -20.10 -21.36
CA ILE B 180 8.19 -18.81 -20.98
C ILE B 180 9.42 -18.50 -21.82
N GLU B 181 10.29 -19.48 -22.05
CA GLU B 181 11.58 -19.23 -22.68
C GLU B 181 11.47 -18.88 -24.17
N THR B 182 10.33 -19.12 -24.81
CA THR B 182 10.11 -18.66 -26.17
C THR B 182 8.97 -17.65 -26.28
N GLY B 183 8.31 -17.34 -25.18
CA GLY B 183 7.26 -16.33 -25.15
C GLY B 183 6.05 -16.63 -26.01
N GLN B 184 5.78 -17.91 -26.28
CA GLN B 184 4.74 -18.30 -27.20
C GLN B 184 3.61 -19.02 -26.45
N GLN B 185 2.38 -18.77 -26.90
CA GLN B 185 1.22 -19.50 -26.42
C GLN B 185 1.27 -20.92 -26.95
N THR B 186 1.65 -21.87 -26.10
CA THR B 186 1.61 -23.27 -26.52
C THR B 186 0.18 -23.76 -26.67
N THR B 187 -0.70 -23.40 -25.74
CA THR B 187 -2.08 -23.86 -25.81
C THR B 187 -3.02 -22.70 -25.53
N THR B 188 -4.16 -22.66 -26.22
CA THR B 188 -5.20 -21.68 -25.96
C THR B 188 -6.48 -22.41 -25.59
N PHE B 189 -7.06 -22.05 -24.45
CA PHE B 189 -8.27 -22.67 -23.92
C PHE B 189 -9.43 -21.73 -24.18
N THR B 190 -10.40 -22.19 -24.98
CA THR B 190 -11.55 -21.40 -25.38
C THR B 190 -12.83 -22.15 -25.07
N GLY B 191 -13.90 -21.39 -24.87
CA GLY B 191 -15.17 -21.99 -24.49
C GLY B 191 -16.01 -21.10 -23.60
N HIS B 192 -15.36 -20.35 -22.73
CA HIS B 192 -16.04 -19.36 -21.91
C HIS B 192 -16.60 -18.24 -22.78
N THR B 193 -17.83 -17.83 -22.50
CA THR B 193 -18.44 -16.73 -23.24
C THR B 193 -18.28 -15.38 -22.55
N GLY B 194 -17.92 -15.35 -21.26
CA GLY B 194 -17.65 -14.12 -20.56
C GLY B 194 -16.21 -14.06 -20.11
N ASP B 195 -15.86 -12.91 -19.49
CA ASP B 195 -14.50 -12.66 -19.06
C ASP B 195 -14.09 -13.63 -17.96
N VAL B 196 -12.99 -14.35 -18.18
CA VAL B 196 -12.48 -15.28 -17.18
C VAL B 196 -11.79 -14.49 -16.08
N MET B 197 -12.29 -14.62 -14.85
CA MET B 197 -11.82 -13.76 -13.78
C MET B 197 -10.78 -14.41 -12.88
N SER B 198 -10.69 -15.73 -12.86
CA SER B 198 -9.74 -16.40 -11.97
C SER B 198 -9.48 -17.80 -12.51
N LEU B 199 -8.37 -18.38 -12.04
CA LEU B 199 -8.09 -19.77 -12.28
C LEU B 199 -7.46 -20.38 -11.05
N SER B 200 -7.35 -21.71 -11.05
CA SER B 200 -6.69 -22.43 -9.98
C SER B 200 -6.12 -23.71 -10.56
N LEU B 201 -4.92 -24.07 -10.14
CA LEU B 201 -4.26 -25.28 -10.61
C LEU B 201 -4.48 -26.41 -9.63
N ALA B 202 -4.63 -27.62 -10.15
CA ALA B 202 -4.73 -28.81 -9.34
C ALA B 202 -3.40 -29.07 -8.63
N PRO B 203 -3.37 -29.95 -7.62
CA PRO B 203 -2.08 -30.27 -6.99
C PRO B 203 -1.11 -31.03 -7.89
N ASP B 204 -1.59 -31.83 -8.84
CA ASP B 204 -0.70 -32.48 -9.78
C ASP B 204 -0.40 -31.63 -11.01
N THR B 205 -1.06 -30.46 -11.14
CA THR B 205 -0.96 -29.53 -12.26
C THR B 205 -1.24 -30.19 -13.62
N ARG B 206 -2.09 -31.21 -13.62
CA ARG B 206 -2.59 -31.80 -14.86
C ARG B 206 -3.88 -31.14 -15.33
N LEU B 207 -4.66 -30.59 -14.40
CA LEU B 207 -5.95 -30.01 -14.67
C LEU B 207 -6.00 -28.62 -14.04
N PHE B 208 -6.80 -27.74 -14.62
CA PHE B 208 -7.06 -26.47 -13.94
C PHE B 208 -8.50 -26.04 -14.17
N VAL B 209 -9.04 -25.28 -13.22
CA VAL B 209 -10.42 -24.82 -13.31
C VAL B 209 -10.39 -23.31 -13.50
N SER B 210 -11.40 -22.79 -14.18
CA SER B 210 -11.49 -21.36 -14.40
C SER B 210 -12.95 -20.92 -14.26
N GLY B 211 -13.16 -19.80 -13.57
CA GLY B 211 -14.48 -19.24 -13.40
C GLY B 211 -14.59 -17.93 -14.15
N ALA B 212 -15.70 -17.76 -14.86
CA ALA B 212 -15.80 -16.60 -15.73
C ALA B 212 -17.03 -15.77 -15.38
N CYS B 213 -17.25 -14.72 -16.17
CA CYS B 213 -18.37 -13.81 -15.99
C CYS B 213 -19.66 -14.31 -16.59
N ASP B 214 -19.66 -15.49 -17.22
CA ASP B 214 -20.88 -16.12 -17.68
C ASP B 214 -21.49 -17.03 -16.63
N ALA B 215 -21.10 -16.86 -15.35
CA ALA B 215 -21.57 -17.61 -14.19
C ALA B 215 -21.29 -19.11 -14.33
N SER B 216 -20.16 -19.45 -14.92
CA SER B 216 -19.80 -20.85 -15.12
C SER B 216 -18.33 -21.08 -14.84
N ALA B 217 -18.02 -22.31 -14.49
CA ALA B 217 -16.66 -22.76 -14.22
C ALA B 217 -16.34 -23.95 -15.10
N LYS B 218 -15.18 -23.91 -15.75
CA LYS B 218 -14.78 -24.95 -16.68
C LYS B 218 -13.52 -25.65 -16.19
N LEU B 219 -13.52 -26.98 -16.26
CA LEU B 219 -12.35 -27.79 -15.96
C LEU B 219 -11.62 -28.11 -17.26
N TRP B 220 -10.31 -27.85 -17.28
CA TRP B 220 -9.49 -27.95 -18.46
C TRP B 220 -8.35 -28.92 -18.24
N ASP B 221 -8.12 -29.78 -19.22
CA ASP B 221 -6.89 -30.56 -19.28
C ASP B 221 -5.77 -29.67 -19.81
N VAL B 222 -4.61 -29.74 -19.16
CA VAL B 222 -3.51 -28.84 -19.55
C VAL B 222 -2.82 -29.34 -20.81
N ARG B 223 -2.63 -30.66 -20.93
CA ARG B 223 -1.89 -31.19 -22.07
C ARG B 223 -2.76 -31.22 -23.33
N GLU B 224 -3.94 -31.83 -23.24
CA GLU B 224 -4.77 -32.01 -24.42
C GLU B 224 -5.58 -30.78 -24.79
N GLY B 225 -5.63 -29.77 -23.93
CA GLY B 225 -6.13 -28.47 -24.33
C GLY B 225 -7.62 -28.38 -24.52
N MET B 226 -8.39 -29.16 -23.77
CA MET B 226 -9.83 -29.27 -23.97
C MET B 226 -10.55 -29.04 -22.66
N CYS B 227 -11.84 -28.71 -22.77
CA CYS B 227 -12.69 -28.53 -21.61
C CYS B 227 -13.34 -29.86 -21.27
N ARG B 228 -13.05 -30.38 -20.08
CA ARG B 228 -13.61 -31.66 -19.69
C ARG B 228 -15.03 -31.53 -19.18
N GLN B 229 -15.27 -30.60 -18.25
CA GLN B 229 -16.57 -30.45 -17.62
C GLN B 229 -16.89 -28.97 -17.45
N THR B 230 -18.17 -28.66 -17.47
CA THR B 230 -18.68 -27.32 -17.22
C THR B 230 -19.66 -27.36 -16.05
N PHE B 231 -19.51 -26.41 -15.15
CA PHE B 231 -20.29 -26.35 -13.91
C PHE B 231 -21.04 -25.03 -13.87
N THR B 232 -22.35 -25.10 -13.69
CA THR B 232 -23.21 -23.94 -13.55
C THR B 232 -23.89 -23.96 -12.19
N GLY B 233 -24.62 -22.89 -11.90
CA GLY B 233 -25.32 -22.79 -10.63
C GLY B 233 -25.31 -21.38 -10.08
N HIS B 234 -24.21 -20.67 -10.27
CA HIS B 234 -24.13 -19.28 -9.84
C HIS B 234 -25.03 -18.39 -10.70
N GLU B 235 -25.55 -17.33 -10.08
CA GLU B 235 -26.40 -16.38 -10.76
C GLU B 235 -25.66 -15.16 -11.26
N SER B 236 -24.37 -15.04 -11.00
CA SER B 236 -23.60 -13.87 -11.39
C SER B 236 -22.16 -14.28 -11.62
N ASP B 237 -21.32 -13.29 -11.91
CA ASP B 237 -19.92 -13.52 -12.27
C ASP B 237 -19.14 -14.22 -11.16
N ILE B 238 -18.34 -15.20 -11.55
CA ILE B 238 -17.50 -15.96 -10.62
C ILE B 238 -16.19 -15.21 -10.49
N ASN B 239 -16.04 -14.45 -9.40
CA ASN B 239 -14.82 -13.67 -9.21
C ASN B 239 -13.64 -14.55 -8.83
N ALA B 240 -13.85 -15.57 -8.02
CA ALA B 240 -12.77 -16.36 -7.46
C ALA B 240 -13.05 -17.85 -7.55
N ILE B 241 -11.97 -18.63 -7.65
CA ILE B 241 -12.04 -20.08 -7.68
C ILE B 241 -10.82 -20.65 -6.94
N CYS B 242 -10.97 -21.84 -6.33
CA CYS B 242 -9.91 -22.49 -5.58
C CYS B 242 -10.17 -23.99 -5.45
N PHE B 243 -9.16 -24.85 -5.75
CA PHE B 243 -9.30 -26.31 -5.71
C PHE B 243 -9.32 -26.84 -4.28
N PHE B 244 -9.98 -28.05 -4.06
CA PHE B 244 -9.94 -28.72 -2.76
C PHE B 244 -8.60 -29.43 -2.65
N PRO B 245 -7.96 -29.51 -1.45
CA PRO B 245 -6.58 -30.07 -1.39
C PRO B 245 -6.36 -31.45 -1.98
N ASN B 246 -7.36 -32.33 -1.99
CA ASN B 246 -7.17 -33.61 -2.69
C ASN B 246 -7.14 -33.43 -4.21
N GLY B 247 -7.82 -32.41 -4.72
CA GLY B 247 -7.95 -32.19 -6.15
C GLY B 247 -9.24 -32.68 -6.77
N ASN B 248 -10.14 -33.26 -5.98
CA ASN B 248 -11.40 -33.79 -6.49
C ASN B 248 -12.58 -32.83 -6.34
N ALA B 249 -12.35 -31.61 -5.88
CA ALA B 249 -13.43 -30.65 -5.70
C ALA B 249 -12.87 -29.24 -5.83
N PHE B 250 -13.74 -28.29 -6.14
CA PHE B 250 -13.32 -26.89 -6.10
C PHE B 250 -14.44 -26.03 -5.52
N ALA B 251 -14.07 -24.81 -5.12
CA ALA B 251 -15.01 -23.83 -4.59
C ALA B 251 -14.96 -22.54 -5.39
N THR B 252 -16.14 -21.97 -5.64
CA THR B 252 -16.29 -20.74 -6.41
C THR B 252 -16.90 -19.65 -5.54
N GLY B 253 -16.36 -18.45 -5.65
CA GLY B 253 -16.93 -17.26 -5.03
C GLY B 253 -17.46 -16.33 -6.10
N SER B 254 -18.70 -15.89 -5.93
CA SER B 254 -19.36 -15.13 -6.98
C SER B 254 -19.89 -13.80 -6.46
N ASP B 255 -20.56 -13.08 -7.36
CA ASP B 255 -21.16 -11.78 -7.06
C ASP B 255 -22.57 -11.89 -6.49
N ASP B 256 -23.15 -13.09 -6.46
CA ASP B 256 -24.48 -13.27 -5.88
C ASP B 256 -24.43 -13.58 -4.39
N ALA B 257 -23.34 -13.20 -3.73
CA ALA B 257 -23.09 -13.35 -2.29
C ALA B 257 -23.05 -14.80 -1.81
N THR B 258 -22.88 -15.77 -2.71
CA THR B 258 -22.77 -17.17 -2.32
C THR B 258 -21.42 -17.73 -2.75
N CYS B 259 -20.90 -18.66 -1.95
CA CYS B 259 -19.85 -19.56 -2.39
C CYS B 259 -20.45 -20.92 -2.69
N ARG B 260 -19.84 -21.66 -3.61
CA ARG B 260 -20.37 -22.97 -3.96
C ARG B 260 -19.24 -23.98 -4.09
N LEU B 261 -19.47 -25.17 -3.57
CA LEU B 261 -18.54 -26.28 -3.63
C LEU B 261 -19.05 -27.29 -4.66
N PHE B 262 -18.27 -27.47 -5.73
CA PHE B 262 -18.53 -28.41 -6.81
C PHE B 262 -17.57 -29.59 -6.72
N ASP B 263 -18.02 -30.73 -7.24
CA ASP B 263 -17.24 -31.97 -7.25
C ASP B 263 -17.02 -32.42 -8.69
N LEU B 264 -15.75 -32.73 -9.02
CA LEU B 264 -15.43 -33.11 -10.39
C LEU B 264 -15.97 -34.48 -10.76
N ARG B 265 -15.96 -35.43 -9.82
CA ARG B 265 -16.37 -36.78 -10.16
C ARG B 265 -17.88 -36.96 -10.16
N ALA B 266 -18.60 -36.19 -9.35
CA ALA B 266 -20.06 -36.22 -9.40
C ALA B 266 -20.62 -35.21 -10.38
N ASP B 267 -19.77 -34.31 -10.88
CA ASP B 267 -20.08 -33.36 -11.96
C ASP B 267 -21.26 -32.45 -11.63
N GLN B 268 -21.34 -32.00 -10.37
CA GLN B 268 -22.43 -31.12 -9.96
C GLN B 268 -22.08 -30.42 -8.66
N GLU B 269 -22.96 -29.50 -8.27
CA GLU B 269 -22.77 -28.72 -7.05
C GLU B 269 -23.02 -29.56 -5.81
N LEU B 270 -22.12 -29.45 -4.84
CA LEU B 270 -22.30 -30.16 -3.58
C LEU B 270 -22.83 -29.28 -2.47
N MET B 271 -22.32 -28.05 -2.33
CA MET B 271 -22.72 -27.25 -1.17
C MET B 271 -22.81 -25.78 -1.56
N THR B 272 -23.73 -25.06 -0.92
CA THR B 272 -23.85 -23.62 -1.04
C THR B 272 -23.60 -22.96 0.31
N TYR B 273 -22.75 -21.93 0.32
CA TYR B 273 -22.37 -21.19 1.51
C TYR B 273 -22.91 -19.78 1.36
N SER B 274 -24.00 -19.47 2.06
CA SER B 274 -24.63 -18.16 1.96
C SER B 274 -25.35 -17.83 3.26
N HIS B 275 -25.51 -16.53 3.51
CA HIS B 275 -26.24 -16.02 4.66
C HIS B 275 -27.11 -14.87 4.21
N ASP B 276 -28.23 -14.67 4.92
CA ASP B 276 -29.13 -13.56 4.61
C ASP B 276 -28.52 -12.22 4.97
N ASN B 277 -27.61 -12.20 5.96
CA ASN B 277 -26.90 -10.99 6.33
C ASN B 277 -25.99 -10.51 5.21
N ILE B 278 -25.48 -11.43 4.40
CA ILE B 278 -24.45 -11.13 3.41
C ILE B 278 -25.10 -10.92 2.06
N ILE B 279 -25.04 -9.70 1.55
CA ILE B 279 -25.50 -9.40 0.19
C ILE B 279 -24.35 -8.98 -0.73
N CYS B 280 -23.17 -8.70 -0.20
CA CYS B 280 -22.01 -8.30 -0.98
C CYS B 280 -21.34 -9.49 -1.67
N GLY B 281 -20.69 -9.20 -2.81
CA GLY B 281 -20.00 -10.23 -3.56
C GLY B 281 -18.67 -10.66 -2.96
N ILE B 282 -18.27 -11.88 -3.33
CA ILE B 282 -17.01 -12.49 -2.87
C ILE B 282 -15.90 -12.12 -3.84
N THR B 283 -14.76 -11.68 -3.30
CA THR B 283 -13.59 -11.38 -4.12
C THR B 283 -12.55 -12.48 -4.15
N SER B 284 -12.45 -13.31 -3.11
CA SER B 284 -11.38 -14.29 -3.03
C SER B 284 -11.83 -15.46 -2.19
N VAL B 285 -11.41 -16.66 -2.57
CA VAL B 285 -11.66 -17.86 -1.79
C VAL B 285 -10.37 -18.64 -1.66
N SER B 286 -10.27 -19.39 -0.56
CA SER B 286 -9.18 -20.33 -0.35
C SER B 286 -9.62 -21.37 0.66
N PHE B 287 -8.82 -22.41 0.79
CA PHE B 287 -9.12 -23.51 1.69
C PHE B 287 -8.03 -23.59 2.76
N SER B 288 -8.34 -24.26 3.85
CA SER B 288 -7.30 -24.58 4.81
C SER B 288 -6.56 -25.82 4.33
N LYS B 289 -5.54 -26.23 5.09
CA LYS B 289 -4.67 -27.31 4.63
C LYS B 289 -5.40 -28.65 4.64
N SER B 290 -6.28 -28.85 5.62
CA SER B 290 -7.09 -30.06 5.65
C SER B 290 -8.30 -29.97 4.73
N GLY B 291 -8.66 -28.77 4.30
CA GLY B 291 -9.87 -28.57 3.52
C GLY B 291 -11.13 -28.43 4.34
N ARG B 292 -11.04 -28.45 5.68
CA ARG B 292 -12.22 -28.34 6.51
C ARG B 292 -12.76 -26.92 6.54
N LEU B 293 -11.90 -25.92 6.49
CA LEU B 293 -12.33 -24.53 6.48
C LEU B 293 -12.24 -23.96 5.07
N LEU B 294 -13.24 -23.16 4.72
CA LEU B 294 -13.24 -22.41 3.47
C LEU B 294 -13.28 -20.93 3.84
N LEU B 295 -12.27 -20.19 3.42
CA LEU B 295 -12.15 -18.79 3.77
C LEU B 295 -12.51 -17.94 2.56
N ALA B 296 -13.32 -16.91 2.78
CA ALA B 296 -13.78 -16.10 1.67
C ALA B 296 -13.74 -14.63 2.03
N GLY B 297 -13.17 -13.82 1.14
CA GLY B 297 -13.17 -12.38 1.32
C GLY B 297 -14.33 -11.74 0.59
N TYR B 298 -14.86 -10.67 1.18
CA TYR B 298 -16.12 -10.09 0.77
C TYR B 298 -15.97 -8.60 0.55
N ASP B 299 -17.03 -7.98 0.01
CA ASP B 299 -16.98 -6.54 -0.24
C ASP B 299 -17.39 -5.74 0.99
N ASP B 300 -17.90 -6.40 2.02
CA ASP B 300 -18.31 -5.74 3.26
C ASP B 300 -17.14 -5.45 4.20
N PHE B 301 -15.91 -5.58 3.71
CA PHE B 301 -14.61 -5.29 4.32
C PHE B 301 -14.16 -6.44 5.21
N ASN B 302 -14.88 -7.56 5.24
CA ASN B 302 -14.59 -8.65 6.16
C ASN B 302 -14.25 -9.93 5.41
N CYS B 303 -13.83 -10.93 6.17
CA CYS B 303 -13.54 -12.26 5.68
C CYS B 303 -14.33 -13.25 6.53
N ASN B 304 -14.93 -14.25 5.90
CA ASN B 304 -15.70 -15.25 6.63
C ASN B 304 -15.06 -16.62 6.49
N VAL B 305 -15.01 -17.34 7.59
CA VAL B 305 -14.50 -18.69 7.67
C VAL B 305 -15.70 -19.62 7.81
N TRP B 306 -15.87 -20.51 6.85
CA TRP B 306 -17.00 -21.42 6.78
C TRP B 306 -16.54 -22.84 7.03
N ASP B 307 -17.33 -23.58 7.80
CA ASP B 307 -17.18 -25.03 7.85
C ASP B 307 -17.53 -25.58 6.47
N ALA B 308 -16.54 -26.09 5.75
CA ALA B 308 -16.76 -26.50 4.38
C ALA B 308 -17.58 -27.78 4.26
N LEU B 309 -17.74 -28.53 5.34
CA LEU B 309 -18.56 -29.73 5.31
C LEU B 309 -19.95 -29.52 5.87
N LYS B 310 -20.20 -28.40 6.55
CA LYS B 310 -21.48 -28.16 7.20
C LYS B 310 -22.11 -26.83 6.82
N ALA B 311 -21.41 -25.94 6.12
CA ALA B 311 -21.89 -24.66 5.60
C ALA B 311 -22.34 -23.70 6.71
N ASP B 312 -21.76 -23.83 7.89
CA ASP B 312 -21.96 -22.86 8.95
C ASP B 312 -20.81 -21.86 8.92
N ARG B 313 -21.09 -20.63 9.35
CA ARG B 313 -20.03 -19.62 9.44
C ARG B 313 -19.24 -19.89 10.71
N ALA B 314 -18.03 -20.43 10.55
CA ALA B 314 -17.22 -20.76 11.71
C ALA B 314 -16.62 -19.53 12.36
N GLY B 315 -16.37 -18.47 11.61
CA GLY B 315 -15.76 -17.30 12.21
C GLY B 315 -15.65 -16.15 11.24
N VAL B 316 -15.14 -15.03 11.76
CA VAL B 316 -15.01 -13.79 11.02
C VAL B 316 -13.61 -13.23 11.24
N LEU B 317 -12.94 -12.87 10.15
CA LEU B 317 -11.71 -12.09 10.18
C LEU B 317 -12.07 -10.65 9.82
N ALA B 318 -12.07 -9.77 10.81
CA ALA B 318 -12.52 -8.39 10.66
C ALA B 318 -11.39 -7.47 11.08
N GLY B 319 -10.62 -6.99 10.11
CA GLY B 319 -9.53 -6.10 10.44
C GLY B 319 -9.19 -5.08 9.38
N HIS B 320 -9.98 -5.00 8.32
CA HIS B 320 -9.67 -4.14 7.20
C HIS B 320 -10.70 -3.03 7.08
N ASP B 321 -10.23 -1.87 6.65
CA ASP B 321 -11.07 -0.68 6.49
C ASP B 321 -11.63 -0.53 5.08
N ASN B 322 -11.27 -1.41 4.16
CA ASN B 322 -11.81 -1.39 2.80
C ASN B 322 -11.98 -2.83 2.36
N ARG B 323 -12.30 -3.01 1.07
CA ARG B 323 -12.65 -4.30 0.51
C ARG B 323 -11.48 -5.28 0.58
N VAL B 324 -11.74 -6.47 1.13
CA VAL B 324 -10.74 -7.53 1.13
C VAL B 324 -10.62 -8.07 -0.29
N SER B 325 -9.55 -7.70 -0.98
CA SER B 325 -9.41 -8.01 -2.39
C SER B 325 -8.76 -9.37 -2.65
N CYS B 326 -7.97 -9.88 -1.71
CA CYS B 326 -7.23 -11.11 -1.97
C CYS B 326 -6.88 -11.78 -0.66
N LEU B 327 -6.69 -13.09 -0.71
CA LEU B 327 -6.31 -13.84 0.48
C LEU B 327 -5.67 -15.15 0.05
N GLY B 328 -4.84 -15.70 0.93
CA GLY B 328 -4.14 -16.93 0.66
C GLY B 328 -3.77 -17.65 1.93
N VAL B 329 -3.60 -18.97 1.81
CA VAL B 329 -3.18 -19.82 2.91
C VAL B 329 -1.84 -20.44 2.53
N THR B 330 -0.92 -20.49 3.49
CA THR B 330 0.41 -21.05 3.29
C THR B 330 0.35 -22.54 2.96
N ASP B 331 1.46 -23.05 2.42
CA ASP B 331 1.53 -24.45 2.04
C ASP B 331 1.56 -25.38 3.23
N ASP B 332 2.08 -24.93 4.36
CA ASP B 332 1.99 -25.71 5.59
C ASP B 332 0.72 -25.41 6.38
N GLY B 333 -0.10 -24.47 5.90
CA GLY B 333 -1.34 -24.14 6.57
C GLY B 333 -1.18 -23.39 7.86
N MET B 334 -0.03 -22.75 8.07
CA MET B 334 0.22 -22.07 9.33
C MET B 334 -0.50 -20.73 9.44
N ALA B 335 -0.74 -20.02 8.34
CA ALA B 335 -1.29 -18.68 8.45
C ALA B 335 -2.06 -18.29 7.20
N VAL B 336 -2.94 -17.31 7.38
CA VAL B 336 -3.74 -16.74 6.30
C VAL B 336 -3.33 -15.30 6.08
N ALA B 337 -2.98 -14.95 4.84
CA ALA B 337 -2.72 -13.56 4.50
C ALA B 337 -3.92 -12.97 3.80
N THR B 338 -4.39 -11.82 4.28
CA THR B 338 -5.44 -11.07 3.61
C THR B 338 -4.90 -9.73 3.17
N GLY B 339 -5.04 -9.42 1.89
CA GLY B 339 -4.69 -8.12 1.34
C GLY B 339 -5.97 -7.42 0.89
N SER B 340 -5.98 -6.11 1.06
CA SER B 340 -7.22 -5.35 0.94
C SER B 340 -6.98 -4.04 0.22
N TRP B 341 -8.08 -3.35 -0.08
CA TRP B 341 -8.05 -2.06 -0.75
C TRP B 341 -7.61 -0.92 0.16
N ASP B 342 -7.45 -1.15 1.47
CA ASP B 342 -6.97 -0.14 2.38
C ASP B 342 -5.45 -0.13 2.51
N SER B 343 -4.75 -0.72 1.53
CA SER B 343 -3.29 -0.70 1.35
C SER B 343 -2.53 -1.48 2.41
N PHE B 344 -3.16 -2.41 3.10
CA PHE B 344 -2.47 -3.22 4.09
C PHE B 344 -2.68 -4.70 3.81
N LEU B 345 -1.68 -5.50 4.16
CA LEU B 345 -1.84 -6.93 4.28
C LEU B 345 -1.75 -7.32 5.75
N LYS B 346 -2.52 -8.33 6.12
CA LYS B 346 -2.53 -8.82 7.48
C LYS B 346 -2.34 -10.33 7.49
N ILE B 347 -1.51 -10.80 8.40
CA ILE B 347 -1.28 -12.21 8.61
C ILE B 347 -2.10 -12.63 9.82
N TRP B 348 -2.83 -13.73 9.69
CA TRP B 348 -3.71 -14.18 10.75
C TRP B 348 -3.43 -15.64 11.06
N ASN B 349 -3.56 -15.97 12.34
CA ASN B 349 -3.34 -17.32 12.83
C ASN B 349 -4.18 -17.52 14.09
N SER C 7 -23.52 -19.59 -38.48
CA SER C 7 -22.83 -20.03 -37.27
C SER C 7 -22.88 -21.54 -37.13
N ILE C 8 -22.76 -22.23 -38.27
CA ILE C 8 -22.85 -23.69 -38.26
C ILE C 8 -21.63 -24.30 -37.59
N ALA C 9 -20.46 -23.67 -37.75
CA ALA C 9 -19.25 -24.15 -37.09
C ALA C 9 -19.34 -24.03 -35.58
N GLN C 10 -19.82 -22.89 -35.08
CA GLN C 10 -19.95 -22.69 -33.64
C GLN C 10 -21.02 -23.61 -33.05
N ALA C 11 -22.11 -23.83 -33.80
CA ALA C 11 -23.16 -24.73 -33.36
C ALA C 11 -22.66 -26.17 -33.28
N ARG C 12 -21.92 -26.62 -34.30
CA ARG C 12 -21.44 -28.00 -34.29
C ARG C 12 -20.30 -28.18 -33.29
N LYS C 13 -19.57 -27.11 -32.96
CA LYS C 13 -18.54 -27.21 -31.94
C LYS C 13 -19.16 -27.27 -30.55
N LEU C 14 -20.26 -26.53 -30.34
CA LEU C 14 -20.98 -26.62 -29.08
C LEU C 14 -21.65 -27.98 -28.92
N VAL C 15 -22.13 -28.57 -30.02
CA VAL C 15 -22.76 -29.88 -29.96
C VAL C 15 -21.72 -30.96 -29.65
N GLU C 16 -20.54 -30.87 -30.27
CA GLU C 16 -19.49 -31.84 -29.99
C GLU C 16 -18.93 -31.70 -28.58
N GLN C 17 -18.85 -30.46 -28.08
CA GLN C 17 -18.49 -30.22 -26.69
C GLN C 17 -19.50 -30.84 -25.73
N LEU C 18 -20.79 -30.65 -26.00
CA LEU C 18 -21.81 -31.23 -25.12
C LEU C 18 -21.85 -32.76 -25.23
N LYS C 19 -21.44 -33.31 -26.38
CA LYS C 19 -21.30 -34.76 -26.49
C LYS C 19 -20.16 -35.26 -25.58
N MET C 20 -19.00 -34.61 -25.67
CA MET C 20 -17.86 -35.06 -24.88
C MET C 20 -18.01 -34.74 -23.40
N GLU C 21 -18.92 -33.84 -23.04
CA GLU C 21 -19.27 -33.64 -21.63
C GLU C 21 -20.36 -34.59 -21.16
N ALA C 22 -21.26 -35.00 -22.05
CA ALA C 22 -22.31 -35.94 -21.66
C ALA C 22 -21.75 -37.34 -21.43
N ASN C 23 -20.82 -37.78 -22.27
CA ASN C 23 -20.39 -39.18 -22.21
C ASN C 23 -19.45 -39.54 -21.05
N ILE C 24 -19.09 -38.58 -20.18
CA ILE C 24 -18.18 -38.88 -19.06
C ILE C 24 -18.81 -39.85 -18.06
N ASP C 25 -17.94 -40.49 -17.29
CA ASP C 25 -18.33 -41.33 -16.15
C ASP C 25 -18.59 -40.47 -14.90
N ARG C 26 -19.73 -40.69 -14.27
CA ARG C 26 -20.14 -39.95 -13.07
C ARG C 26 -20.44 -40.91 -11.94
N ILE C 27 -19.82 -40.68 -10.79
CA ILE C 27 -20.09 -41.43 -9.58
C ILE C 27 -21.17 -40.70 -8.78
N LYS C 28 -21.73 -41.37 -7.77
CA LYS C 28 -22.83 -40.80 -7.00
C LYS C 28 -22.31 -39.76 -6.00
N VAL C 29 -23.16 -38.76 -5.76
CA VAL C 29 -22.85 -37.63 -4.87
C VAL C 29 -22.51 -38.11 -3.46
N SER C 30 -23.20 -39.16 -2.98
CA SER C 30 -22.93 -39.72 -1.66
C SER C 30 -21.50 -40.23 -1.52
N LYS C 31 -20.97 -40.87 -2.57
CA LYS C 31 -19.60 -41.36 -2.53
C LYS C 31 -18.58 -40.22 -2.50
N ALA C 32 -18.82 -39.17 -3.29
CA ALA C 32 -17.91 -38.04 -3.31
C ALA C 32 -17.96 -37.24 -2.01
N ALA C 33 -19.15 -37.14 -1.42
CA ALA C 33 -19.30 -36.51 -0.11
C ALA C 33 -18.57 -37.29 0.97
N ALA C 34 -18.68 -38.62 0.93
CA ALA C 34 -17.94 -39.47 1.86
C ALA C 34 -16.44 -39.34 1.66
N ASP C 35 -16.00 -39.17 0.42
CA ASP C 35 -14.56 -39.03 0.16
C ASP C 35 -14.02 -37.68 0.64
N LEU C 36 -14.82 -36.61 0.52
CA LEU C 36 -14.37 -35.33 1.04
C LEU C 36 -14.37 -35.32 2.56
N MET C 37 -15.36 -35.97 3.18
CA MET C 37 -15.39 -36.07 4.64
C MET C 37 -14.24 -36.91 5.16
N ALA C 38 -13.90 -38.00 4.45
CA ALA C 38 -12.78 -38.85 4.83
C ALA C 38 -11.45 -38.13 4.68
N TYR C 39 -11.30 -37.31 3.63
CA TYR C 39 -10.08 -36.52 3.50
C TYR C 39 -9.98 -35.48 4.60
N CYS C 40 -11.10 -34.83 4.95
CA CYS C 40 -11.06 -33.81 5.98
C CYS C 40 -10.77 -34.40 7.35
N GLU C 41 -11.21 -35.63 7.63
CA GLU C 41 -10.87 -36.22 8.91
C GLU C 41 -9.53 -36.96 8.89
N ALA C 42 -8.98 -37.26 7.73
CA ALA C 42 -7.67 -37.88 7.66
C ALA C 42 -6.54 -36.87 7.90
N HIS C 43 -6.79 -35.59 7.67
CA HIS C 43 -5.76 -34.56 7.79
C HIS C 43 -6.13 -33.51 8.82
N ALA C 44 -7.01 -33.84 9.76
CA ALA C 44 -7.50 -32.89 10.76
C ALA C 44 -6.37 -32.39 11.65
N LYS C 45 -5.55 -33.31 12.16
CA LYS C 45 -4.50 -32.95 13.10
C LYS C 45 -3.31 -32.26 12.45
N GLU C 46 -3.26 -32.21 11.12
CA GLU C 46 -2.20 -31.51 10.40
C GLU C 46 -2.58 -30.08 10.04
N ASP C 47 -3.74 -29.60 10.46
CA ASP C 47 -4.20 -28.27 10.09
C ASP C 47 -4.06 -27.31 11.27
N PRO C 48 -3.12 -26.37 11.23
CA PRO C 48 -2.98 -25.40 12.33
C PRO C 48 -4.16 -24.46 12.50
N LEU C 49 -4.87 -24.12 11.43
CA LEU C 49 -6.03 -23.23 11.54
C LEU C 49 -7.17 -23.90 12.31
N LEU C 50 -7.39 -25.19 12.10
CA LEU C 50 -8.48 -25.90 12.77
C LEU C 50 -8.28 -25.96 14.28
N THR C 51 -7.09 -26.38 14.71
CA THR C 51 -6.77 -26.48 16.13
C THR C 51 -5.50 -25.66 16.35
N PRO C 52 -5.53 -24.67 17.25
CA PRO C 52 -4.36 -23.83 17.46
C PRO C 52 -3.17 -24.60 18.04
N VAL C 53 -2.00 -24.31 17.50
CA VAL C 53 -0.75 -24.93 17.91
C VAL C 53 -0.24 -24.19 19.15
N PRO C 54 0.72 -24.73 19.89
CA PRO C 54 1.33 -23.94 20.98
C PRO C 54 2.10 -22.74 20.44
N ALA C 55 2.27 -21.75 21.33
CA ALA C 55 2.96 -20.51 20.99
C ALA C 55 4.39 -20.74 20.53
N SER C 56 5.08 -21.71 21.13
CA SER C 56 6.44 -22.04 20.70
C SER C 56 6.45 -22.59 19.28
N GLU C 57 5.47 -23.43 18.94
CA GLU C 57 5.38 -24.01 17.60
C GLU C 57 5.04 -22.96 16.55
N ASN C 58 4.19 -21.99 16.91
CA ASN C 58 3.72 -20.98 15.96
C ASN C 58 4.82 -19.98 15.66
N PRO C 59 5.28 -19.86 14.40
CA PRO C 59 6.32 -18.87 14.08
C PRO C 59 5.89 -17.43 14.26
N PHE C 60 4.66 -17.11 13.87
CA PHE C 60 4.20 -15.72 13.92
C PHE C 60 3.95 -15.24 15.34
N ARG C 61 3.39 -16.10 16.20
CA ARG C 61 3.23 -15.71 17.61
C ARG C 61 4.58 -15.57 18.30
N GLU C 62 5.50 -16.49 18.04
CA GLU C 62 6.81 -16.46 18.66
C GLU C 62 7.80 -15.68 17.79
N ASP D 1 29.96 -8.95 -17.07
CA ASP D 1 30.05 -9.83 -15.90
C ASP D 1 30.47 -9.05 -14.67
N VAL D 2 30.33 -9.68 -13.51
CA VAL D 2 30.67 -9.04 -12.24
C VAL D 2 32.18 -8.91 -12.13
N GLN D 3 32.64 -7.71 -11.79
CA GLN D 3 34.08 -7.44 -11.75
C GLN D 3 34.39 -6.39 -10.71
N LEU D 4 35.37 -6.67 -9.86
CA LEU D 4 35.91 -5.73 -8.89
C LEU D 4 37.40 -5.63 -9.12
N VAL D 5 37.90 -4.44 -9.39
CA VAL D 5 39.30 -4.22 -9.71
C VAL D 5 39.89 -3.26 -8.68
N GLU D 6 40.93 -3.69 -7.99
CA GLU D 6 41.58 -2.86 -6.98
C GLU D 6 42.82 -2.20 -7.54
N SER D 7 43.12 -1.01 -7.02
CA SER D 7 44.31 -0.26 -7.41
C SER D 7 44.72 0.62 -6.25
N GLY D 8 45.96 1.09 -6.31
CA GLY D 8 46.49 1.97 -5.29
C GLY D 8 47.56 1.38 -4.40
N GLY D 9 48.03 0.17 -4.68
CA GLY D 9 49.07 -0.44 -3.89
C GLY D 9 50.44 0.10 -4.25
N GLY D 10 51.45 -0.52 -3.67
CA GLY D 10 52.82 -0.13 -3.89
C GLY D 10 53.59 -0.12 -2.59
N LEU D 11 54.74 0.53 -2.63
CA LEU D 11 55.66 0.60 -1.49
C LEU D 11 55.48 1.94 -0.79
N VAL D 12 55.23 1.90 0.52
CA VAL D 12 54.97 3.08 1.32
C VAL D 12 55.95 3.07 2.50
N GLN D 13 56.53 4.23 2.80
CA GLN D 13 57.32 4.40 4.01
C GLN D 13 56.43 4.28 5.25
N PRO D 14 56.96 3.73 6.35
CA PRO D 14 56.15 3.57 7.56
C PRO D 14 55.77 4.90 8.19
N GLY D 15 54.53 4.97 8.67
CA GLY D 15 53.96 6.21 9.13
C GLY D 15 53.33 7.06 8.05
N GLY D 16 53.41 6.64 6.79
CA GLY D 16 52.87 7.40 5.69
C GLY D 16 51.38 7.19 5.51
N SER D 17 50.91 7.53 4.31
CA SER D 17 49.50 7.37 3.97
C SER D 17 49.37 6.86 2.54
N ARG D 18 48.22 6.25 2.27
CA ARG D 18 47.92 5.70 0.96
C ARG D 18 46.40 5.55 0.88
N LYS D 19 45.87 5.44 -0.33
CA LYS D 19 44.44 5.35 -0.54
C LYS D 19 44.16 4.30 -1.59
N LEU D 20 43.49 3.21 -1.20
CA LEU D 20 43.13 2.15 -2.12
C LEU D 20 41.77 2.38 -2.72
N SER D 21 41.61 1.98 -3.97
CA SER D 21 40.35 2.09 -4.69
C SER D 21 39.95 0.74 -5.26
N CYS D 22 38.64 0.52 -5.32
CA CYS D 22 38.06 -0.69 -5.88
C CYS D 22 36.94 -0.26 -6.81
N SER D 23 37.16 -0.44 -8.11
CA SER D 23 36.16 -0.10 -9.13
C SER D 23 35.29 -1.31 -9.40
N ALA D 24 33.98 -1.08 -9.40
CA ALA D 24 33.00 -2.13 -9.60
C ALA D 24 32.33 -1.98 -10.95
N SER D 25 32.11 -3.11 -11.63
CA SER D 25 31.41 -3.09 -12.90
C SER D 25 30.61 -4.37 -13.03
N GLY D 26 29.44 -4.26 -13.65
CA GLY D 26 28.65 -5.43 -13.97
C GLY D 26 27.65 -5.86 -12.93
N PHE D 27 27.40 -5.06 -11.90
CA PHE D 27 26.36 -5.36 -10.93
C PHE D 27 25.87 -4.07 -10.31
N ALA D 28 24.71 -4.15 -9.67
CA ALA D 28 24.10 -2.99 -9.02
C ALA D 28 24.85 -2.65 -7.75
N PHE D 29 25.88 -1.81 -7.87
CA PHE D 29 26.85 -1.58 -6.79
C PHE D 29 26.21 -0.95 -5.55
N SER D 30 25.22 -0.09 -5.72
CA SER D 30 24.68 0.64 -4.59
C SER D 30 23.74 -0.18 -3.72
N SER D 31 23.50 -1.45 -4.07
CA SER D 31 22.67 -2.33 -3.26
C SER D 31 23.48 -3.33 -2.46
N PHE D 32 24.79 -3.30 -2.59
CA PHE D 32 25.68 -4.24 -1.92
C PHE D 32 26.47 -3.53 -0.83
N GLY D 33 26.53 -4.13 0.35
CA GLY D 33 27.54 -3.75 1.30
C GLY D 33 28.90 -4.25 0.86
N MET D 34 29.95 -3.55 1.25
CA MET D 34 31.29 -3.91 0.80
C MET D 34 32.21 -4.06 2.00
N HIS D 35 33.16 -4.97 1.85
CA HIS D 35 34.16 -5.28 2.86
C HIS D 35 35.54 -5.13 2.26
N TRP D 36 36.49 -4.73 3.08
CA TRP D 36 37.91 -4.87 2.79
C TRP D 36 38.44 -5.98 3.67
N VAL D 37 39.15 -6.93 3.05
CA VAL D 37 39.78 -8.06 3.72
C VAL D 37 41.25 -8.12 3.29
N ARG D 38 42.15 -8.13 4.26
CA ARG D 38 43.58 -8.18 3.97
C ARG D 38 44.11 -9.61 4.10
N GLN D 39 45.29 -9.82 3.54
CA GLN D 39 45.96 -11.12 3.63
C GLN D 39 47.46 -10.87 3.63
N ALA D 40 48.03 -10.89 4.83
CA ALA D 40 49.48 -10.86 4.98
C ALA D 40 50.09 -12.06 4.25
N PRO D 41 51.24 -11.89 3.57
CA PRO D 41 51.68 -12.87 2.55
C PRO D 41 51.85 -14.31 3.02
N GLU D 42 52.55 -14.53 4.14
CA GLU D 42 52.62 -15.88 4.68
C GLU D 42 51.31 -16.31 5.30
N LYS D 43 50.59 -15.39 5.94
CA LYS D 43 49.44 -15.70 6.77
C LYS D 43 48.15 -15.80 5.96
N GLY D 44 47.04 -15.99 6.66
CA GLY D 44 45.74 -16.12 6.05
C GLY D 44 44.96 -14.81 6.03
N LEU D 45 43.67 -14.94 5.68
CA LEU D 45 42.80 -13.79 5.53
C LEU D 45 42.47 -13.15 6.87
N GLU D 46 42.26 -11.84 6.83
CA GLU D 46 41.90 -11.06 8.02
C GLU D 46 40.98 -9.93 7.60
N TRP D 47 39.82 -9.85 8.24
CA TRP D 47 38.83 -8.84 7.91
C TRP D 47 39.28 -7.47 8.41
N VAL D 48 39.10 -6.46 7.56
CA VAL D 48 39.56 -5.10 7.85
C VAL D 48 38.40 -4.15 8.08
N ALA D 49 37.50 -4.01 7.11
CA ALA D 49 36.48 -2.97 7.24
C ALA D 49 35.22 -3.34 6.49
N TYR D 50 34.13 -2.67 6.86
CA TYR D 50 32.84 -2.90 6.22
C TYR D 50 32.05 -1.61 6.16
N ILE D 51 31.49 -1.30 4.99
CA ILE D 51 30.52 -0.22 4.83
C ILE D 51 29.24 -0.80 4.25
N SER D 52 28.10 -0.43 4.83
CA SER D 52 26.84 -1.00 4.41
C SER D 52 26.36 -0.37 3.11
N SER D 53 25.30 -0.94 2.56
CA SER D 53 24.64 -0.31 1.42
C SER D 53 23.91 0.94 1.89
N GLY D 54 24.17 2.05 1.20
CA GLY D 54 23.65 3.33 1.65
C GLY D 54 24.49 4.03 2.70
N SER D 55 25.65 3.45 3.07
CA SER D 55 26.66 4.03 3.96
C SER D 55 26.15 4.30 5.37
N GLY D 56 25.07 3.65 5.78
CA GLY D 56 24.51 3.91 7.10
C GLY D 56 25.20 3.19 8.24
N THR D 57 26.05 2.20 7.95
CA THR D 57 26.68 1.39 8.98
C THR D 57 28.10 1.09 8.55
N ILE D 58 29.05 1.42 9.43
CA ILE D 58 30.48 1.26 9.15
C ILE D 58 31.12 0.54 10.33
N TYR D 59 31.88 -0.51 10.04
CA TYR D 59 32.60 -1.25 11.07
C TYR D 59 34.07 -1.38 10.68
N TYR D 60 34.93 -1.44 11.70
CA TYR D 60 36.36 -1.63 11.51
C TYR D 60 36.86 -2.74 12.42
N ALA D 61 37.95 -3.37 12.02
CA ALA D 61 38.69 -4.21 12.94
C ALA D 61 39.39 -3.35 13.99
N ASP D 62 39.71 -3.97 15.12
CA ASP D 62 40.27 -3.21 16.24
C ASP D 62 41.69 -2.75 15.97
N THR D 63 42.42 -3.44 15.10
CA THR D 63 43.79 -3.06 14.80
C THR D 63 43.91 -2.06 13.65
N VAL D 64 42.79 -1.54 13.15
CA VAL D 64 42.82 -0.49 12.14
C VAL D 64 41.87 0.62 12.57
N LYS D 65 41.35 0.51 13.78
CA LYS D 65 40.38 1.48 14.28
C LYS D 65 41.08 2.82 14.56
N GLY D 66 40.55 3.89 13.96
CA GLY D 66 41.11 5.21 14.08
C GLY D 66 42.13 5.58 13.03
N ARG D 67 42.75 4.60 12.39
CA ARG D 67 43.73 4.85 11.34
C ARG D 67 43.15 4.76 9.95
N PHE D 68 42.24 3.81 9.73
CA PHE D 68 41.71 3.52 8.40
C PHE D 68 40.33 4.15 8.28
N THR D 69 39.96 4.52 7.06
CA THR D 69 38.64 5.08 6.79
C THR D 69 38.09 4.46 5.51
N ILE D 70 36.97 3.77 5.62
CA ILE D 70 36.31 3.16 4.47
C ILE D 70 35.22 4.11 3.99
N SER D 71 35.04 4.20 2.67
CA SER D 71 34.02 5.05 2.10
C SER D 71 33.61 4.49 0.75
N ARG D 72 32.45 4.92 0.27
CA ARG D 72 32.00 4.51 -1.06
C ARG D 72 31.45 5.72 -1.79
N ASP D 73 31.63 5.71 -3.11
CA ASP D 73 31.01 6.69 -3.99
C ASP D 73 30.18 5.90 -4.99
N ASP D 74 28.86 5.93 -4.78
CA ASP D 74 27.91 5.12 -5.52
C ASP D 74 27.65 5.57 -6.96
N PRO D 75 27.59 6.87 -7.31
CA PRO D 75 27.51 7.21 -8.74
C PRO D 75 28.73 6.81 -9.56
N LYS D 76 29.93 6.80 -8.97
CA LYS D 76 31.11 6.37 -9.70
C LYS D 76 31.42 4.89 -9.51
N ASN D 77 30.62 4.17 -8.71
CA ASN D 77 30.77 2.73 -8.45
C ASN D 77 32.14 2.39 -7.88
N THR D 78 32.56 3.16 -6.88
CA THR D 78 33.94 3.04 -6.40
C THR D 78 33.95 2.91 -4.87
N LEU D 79 34.85 2.08 -4.37
CA LEU D 79 35.04 1.89 -2.93
C LEU D 79 36.45 2.35 -2.56
N PHE D 80 36.55 3.13 -1.48
CA PHE D 80 37.82 3.72 -1.06
C PHE D 80 38.20 3.22 0.32
N LEU D 81 39.49 3.01 0.52
CA LEU D 81 40.07 2.77 1.85
C LEU D 81 41.22 3.76 2.01
N GLN D 82 41.01 4.81 2.79
CA GLN D 82 42.04 5.80 3.09
C GLN D 82 42.79 5.35 4.34
N MET D 83 44.04 4.95 4.18
CA MET D 83 44.84 4.40 5.26
C MET D 83 45.96 5.36 5.62
N THR D 84 46.00 5.78 6.88
CA THR D 84 47.07 6.59 7.42
C THR D 84 47.82 5.81 8.48
N SER D 85 48.88 6.42 9.00
CA SER D 85 49.79 5.88 10.03
C SER D 85 50.16 4.41 9.79
N LEU D 86 50.62 4.12 8.57
CA LEU D 86 50.87 2.74 8.15
C LEU D 86 52.04 2.13 8.89
N ARG D 87 51.80 1.01 9.55
CA ARG D 87 52.80 0.25 10.26
C ARG D 87 53.29 -0.90 9.38
N SER D 88 54.29 -1.63 9.89
CA SER D 88 54.84 -2.77 9.17
C SER D 88 53.83 -3.91 9.04
N GLU D 89 52.98 -4.10 10.05
CA GLU D 89 51.97 -5.15 10.03
C GLU D 89 50.94 -4.95 8.93
N ASP D 90 50.72 -3.71 8.48
CA ASP D 90 49.76 -3.40 7.42
C ASP D 90 50.12 -3.99 6.06
N THR D 91 51.37 -4.44 5.87
CA THR D 91 51.80 -5.04 4.61
C THR D 91 50.99 -6.30 4.29
N ALA D 92 50.24 -6.26 3.20
CA ALA D 92 49.28 -7.32 2.86
C ALA D 92 48.74 -7.10 1.45
N MET D 93 48.05 -8.11 0.95
CA MET D 93 47.24 -7.97 -0.25
C MET D 93 45.79 -7.72 0.17
N TYR D 94 45.17 -6.71 -0.42
CA TYR D 94 43.86 -6.23 0.00
C TYR D 94 42.80 -6.59 -1.04
N TYR D 95 41.66 -7.09 -0.58
CA TYR D 95 40.55 -7.47 -1.43
C TYR D 95 39.31 -6.70 -1.06
N CYS D 96 38.58 -6.20 -2.06
CA CYS D 96 37.21 -5.73 -1.84
C CYS D 96 36.25 -6.88 -2.13
N VAL D 97 35.32 -7.12 -1.21
CA VAL D 97 34.34 -8.19 -1.29
C VAL D 97 32.96 -7.58 -1.26
N ARG D 98 32.09 -7.97 -2.18
CA ARG D 98 30.70 -7.54 -2.11
C ARG D 98 29.88 -8.53 -1.30
N SER D 99 28.85 -8.03 -0.64
CA SER D 99 27.96 -8.87 0.15
C SER D 99 26.62 -8.16 0.29
N ILE D 100 25.55 -8.86 -0.05
CA ILE D 100 24.19 -8.34 0.05
C ILE D 100 23.46 -9.14 1.10
N TYR D 101 22.57 -8.48 1.84
CA TYR D 101 21.91 -9.10 2.99
C TYR D 101 20.41 -8.94 2.87
N TYR D 102 19.73 -10.05 2.59
CA TYR D 102 18.29 -10.16 2.77
C TYR D 102 18.02 -11.61 3.14
N TYR D 103 16.75 -11.99 3.22
CA TYR D 103 16.42 -13.36 3.56
C TYR D 103 16.77 -14.29 2.39
N GLY D 104 17.66 -15.24 2.66
CA GLY D 104 18.08 -16.19 1.65
C GLY D 104 19.22 -15.75 0.77
N SER D 105 19.79 -14.58 1.02
CA SER D 105 20.89 -14.10 0.20
C SER D 105 22.19 -14.84 0.54
N SER D 106 23.18 -14.67 -0.33
CA SER D 106 24.50 -15.28 -0.13
C SER D 106 25.54 -14.17 -0.03
N PRO D 107 25.92 -13.76 1.17
CA PRO D 107 26.97 -12.75 1.32
C PRO D 107 28.34 -13.31 0.97
N PHE D 108 29.27 -12.37 0.74
CA PHE D 108 30.69 -12.65 0.44
C PHE D 108 30.86 -13.48 -0.82
N ASP D 109 30.01 -13.28 -1.83
CA ASP D 109 30.00 -14.19 -2.96
C ASP D 109 31.03 -13.84 -4.03
N PHE D 110 31.45 -12.60 -4.14
CA PHE D 110 32.43 -12.21 -5.15
C PHE D 110 33.57 -11.44 -4.51
N TRP D 111 34.80 -11.78 -4.88
CA TRP D 111 36.01 -11.17 -4.35
C TRP D 111 36.78 -10.55 -5.50
N GLY D 112 37.35 -9.36 -5.25
CA GLY D 112 38.23 -8.75 -6.22
C GLY D 112 39.58 -9.43 -6.26
N GLN D 113 40.40 -9.01 -7.23
CA GLN D 113 41.70 -9.64 -7.42
C GLN D 113 42.71 -9.21 -6.36
N GLY D 114 42.58 -8.03 -5.80
CA GLY D 114 43.45 -7.64 -4.72
C GLY D 114 44.61 -6.78 -5.18
N THR D 115 45.00 -5.84 -4.34
CA THR D 115 46.15 -4.98 -4.60
C THR D 115 47.16 -5.12 -3.47
N THR D 116 48.44 -5.09 -3.83
CA THR D 116 49.51 -5.37 -2.87
C THR D 116 50.03 -4.08 -2.24
N LEU D 117 50.07 -4.06 -0.91
CA LEU D 117 50.60 -2.95 -0.14
C LEU D 117 51.82 -3.43 0.62
N THR D 118 52.97 -2.86 0.32
CA THR D 118 54.22 -3.19 1.02
C THR D 118 54.67 -1.98 1.81
N VAL D 119 54.82 -2.14 3.11
CA VAL D 119 55.33 -1.10 3.99
C VAL D 119 56.72 -1.54 4.45
N SER D 120 57.72 -0.73 4.13
CA SER D 120 59.10 -1.08 4.44
C SER D 120 59.39 -0.82 5.92
N SER D 121 60.52 -1.32 6.37
CA SER D 121 60.95 -1.12 7.76
C SER D 121 62.46 -1.22 7.88
N GLY D 135 39.42 -9.15 22.62
CA GLY D 135 39.31 -10.05 23.75
C GLY D 135 38.06 -10.90 23.70
N SER D 136 36.95 -10.30 23.27
CA SER D 136 35.69 -10.99 23.12
C SER D 136 35.45 -11.49 21.70
N ASP D 137 36.48 -11.47 20.87
CA ASP D 137 36.33 -11.92 19.48
C ASP D 137 36.18 -13.43 19.43
N ILE D 138 35.36 -13.90 18.49
CA ILE D 138 35.18 -15.33 18.29
C ILE D 138 36.42 -15.88 17.61
N VAL D 139 36.93 -17.00 18.13
CA VAL D 139 38.16 -17.61 17.63
C VAL D 139 37.78 -18.84 16.83
N MET D 140 38.12 -18.84 15.55
CA MET D 140 37.89 -19.98 14.68
C MET D 140 39.18 -20.76 14.53
N THR D 141 39.12 -22.06 14.75
CA THR D 141 40.30 -22.91 14.79
C THR D 141 40.21 -23.97 13.70
N GLN D 142 41.15 -23.93 12.77
CA GLN D 142 41.35 -24.98 11.79
C GLN D 142 42.63 -25.70 12.20
N ALA D 143 42.45 -26.82 12.92
CA ALA D 143 43.55 -27.47 13.63
C ALA D 143 44.60 -28.02 12.68
N THR D 144 44.17 -28.76 11.65
CA THR D 144 45.11 -29.31 10.69
C THR D 144 45.43 -28.26 9.63
N SER D 145 46.72 -27.94 9.48
CA SER D 145 47.13 -26.91 8.54
C SER D 145 47.26 -27.45 7.13
N SER D 146 47.73 -28.68 6.98
CA SER D 146 47.93 -29.28 5.67
C SER D 146 47.39 -30.70 5.68
N VAL D 147 46.81 -31.12 4.56
CA VAL D 147 46.30 -32.47 4.39
C VAL D 147 46.74 -32.97 3.02
N PRO D 148 47.48 -34.08 2.94
CA PRO D 148 47.82 -34.65 1.63
C PRO D 148 46.71 -35.56 1.12
N VAL D 149 46.34 -35.37 -0.14
CA VAL D 149 45.17 -36.03 -0.71
C VAL D 149 45.48 -36.34 -2.18
N THR D 150 44.75 -37.34 -2.72
CA THR D 150 44.83 -37.81 -4.08
C THR D 150 43.45 -37.65 -4.75
N PRO D 151 43.40 -37.47 -6.06
CA PRO D 151 42.11 -37.27 -6.74
C PRO D 151 41.22 -38.50 -6.66
N GLY D 152 39.91 -38.25 -6.59
CA GLY D 152 38.92 -39.29 -6.48
C GLY D 152 38.62 -39.73 -5.07
N GLU D 153 39.21 -39.09 -4.06
CA GLU D 153 39.06 -39.48 -2.67
C GLU D 153 38.31 -38.39 -1.91
N SER D 154 37.30 -38.80 -1.14
CA SER D 154 36.59 -37.88 -0.27
C SER D 154 37.52 -37.37 0.83
N VAL D 155 37.26 -36.13 1.26
CA VAL D 155 38.10 -35.50 2.27
C VAL D 155 37.23 -34.57 3.11
N SER D 156 37.53 -34.51 4.41
CA SER D 156 36.80 -33.67 5.34
C SER D 156 37.73 -32.61 5.90
N ILE D 157 37.22 -31.38 5.98
CA ILE D 157 37.94 -30.25 6.56
C ILE D 157 37.17 -29.80 7.79
N SER D 158 37.86 -29.67 8.91
CA SER D 158 37.21 -29.39 10.19
C SER D 158 37.50 -27.96 10.63
N CYS D 159 36.45 -27.29 11.12
CA CYS D 159 36.57 -25.98 11.72
C CYS D 159 35.91 -26.04 13.10
N ARG D 160 36.45 -25.26 14.04
CA ARG D 160 35.90 -25.24 15.39
C ARG D 160 35.82 -23.81 15.87
N SER D 161 34.69 -23.46 16.47
CA SER D 161 34.43 -22.12 16.94
C SER D 161 34.45 -22.08 18.46
N SER D 162 34.93 -20.96 19.01
CA SER D 162 34.96 -20.79 20.45
C SER D 162 33.58 -20.50 21.03
N LYS D 163 32.67 -19.98 20.22
CA LYS D 163 31.31 -19.65 20.63
C LYS D 163 30.36 -20.38 19.70
N SER D 164 29.16 -20.67 20.18
CA SER D 164 28.15 -21.33 19.36
C SER D 164 27.67 -20.37 18.27
N LEU D 165 27.83 -20.78 17.01
CA LEU D 165 27.46 -19.95 15.88
C LEU D 165 25.99 -20.09 15.50
N LEU D 166 25.26 -20.94 16.18
CA LEU D 166 23.83 -21.11 15.92
C LEU D 166 23.07 -20.01 16.66
N HIS D 167 22.37 -19.17 15.90
CA HIS D 167 21.57 -18.10 16.47
C HIS D 167 20.22 -18.65 16.90
N SER D 168 19.43 -17.81 17.57
CA SER D 168 18.10 -18.20 18.00
C SER D 168 17.09 -18.24 16.85
N ASN D 169 17.41 -17.65 15.70
CA ASN D 169 16.52 -17.71 14.55
C ASN D 169 16.71 -18.95 13.70
N GLY D 170 17.56 -19.88 14.14
CA GLY D 170 17.79 -21.12 13.43
C GLY D 170 18.94 -21.09 12.44
N ASN D 171 19.51 -19.92 12.18
CA ASN D 171 20.64 -19.81 11.25
C ASN D 171 21.95 -20.07 11.98
N THR D 172 22.85 -20.78 11.30
CA THR D 172 24.21 -20.97 11.77
C THR D 172 25.12 -20.20 10.82
N TYR D 173 25.86 -19.23 11.35
CA TYR D 173 26.58 -18.28 10.50
C TYR D 173 28.03 -18.74 10.34
N LEU D 174 28.22 -19.73 9.49
CA LEU D 174 29.54 -20.24 9.15
C LEU D 174 29.68 -20.29 7.64
N TYR D 175 30.78 -19.74 7.13
CA TYR D 175 31.03 -19.63 5.70
C TYR D 175 32.32 -20.36 5.37
N TRP D 176 32.35 -21.03 4.23
CA TRP D 176 33.52 -21.75 3.74
C TRP D 176 33.98 -21.13 2.44
N PHE D 177 35.26 -20.74 2.38
CA PHE D 177 35.90 -20.16 1.22
C PHE D 177 37.06 -21.04 0.77
N LEU D 178 37.30 -21.05 -0.55
CA LEU D 178 38.45 -21.72 -1.13
C LEU D 178 39.32 -20.69 -1.85
N GLN D 179 40.61 -20.70 -1.56
CA GLN D 179 41.59 -19.90 -2.29
C GLN D 179 42.49 -20.85 -3.06
N ARG D 180 42.34 -20.86 -4.37
CA ARG D 180 43.24 -21.57 -5.26
C ARG D 180 44.57 -20.83 -5.32
N PRO D 181 45.67 -21.52 -5.67
CA PRO D 181 46.97 -20.84 -5.73
C PRO D 181 47.03 -19.78 -6.82
N GLY D 182 47.36 -18.57 -6.41
CA GLY D 182 47.45 -17.44 -7.30
C GLY D 182 46.14 -16.73 -7.59
N GLN D 183 45.06 -17.12 -6.93
CA GLN D 183 43.75 -16.53 -7.17
C GLN D 183 43.18 -15.93 -5.89
N SER D 184 42.09 -15.20 -6.06
CA SER D 184 41.33 -14.65 -4.96
C SER D 184 40.49 -15.74 -4.32
N PRO D 185 40.08 -15.58 -3.06
CA PRO D 185 39.18 -16.56 -2.44
C PRO D 185 37.82 -16.60 -3.12
N GLN D 186 37.22 -17.78 -3.09
CA GLN D 186 35.94 -18.05 -3.74
C GLN D 186 34.97 -18.61 -2.72
N LEU D 187 33.75 -18.08 -2.69
CA LEU D 187 32.75 -18.58 -1.75
C LEU D 187 32.30 -19.97 -2.16
N LEU D 188 32.37 -20.90 -1.21
CA LEU D 188 31.88 -22.26 -1.42
C LEU D 188 30.58 -22.50 -0.69
N ILE D 189 30.57 -22.31 0.63
CA ILE D 189 29.40 -22.61 1.45
C ILE D 189 29.03 -21.36 2.23
N TYR D 190 27.75 -20.99 2.21
CA TYR D 190 27.28 -19.88 3.02
C TYR D 190 26.25 -20.38 4.03
N ARG D 191 26.37 -19.89 5.26
CA ARG D 191 25.52 -20.25 6.40
C ARG D 191 25.45 -21.76 6.64
N MET D 192 26.64 -22.35 6.76
CA MET D 192 26.90 -23.74 7.18
C MET D 192 26.44 -24.81 6.20
N SER D 193 25.16 -24.82 5.81
CA SER D 193 24.64 -25.93 5.02
C SER D 193 24.22 -25.56 3.60
N ASN D 194 24.38 -24.32 3.16
CA ASN D 194 23.91 -23.92 1.84
C ASN D 194 25.07 -23.74 0.88
N LEU D 195 24.91 -24.27 -0.33
CA LEU D 195 25.95 -24.25 -1.34
C LEU D 195 25.74 -23.07 -2.28
N ALA D 196 26.84 -22.58 -2.85
CA ALA D 196 26.84 -21.31 -3.56
C ALA D 196 26.62 -21.50 -5.06
N SER D 197 26.31 -20.40 -5.72
CA SER D 197 26.05 -20.43 -7.16
C SER D 197 27.33 -20.69 -7.94
N GLY D 198 27.28 -21.66 -8.85
CA GLY D 198 28.43 -22.04 -9.63
C GLY D 198 29.35 -23.05 -8.97
N VAL D 199 29.08 -23.41 -7.73
CA VAL D 199 29.88 -24.39 -6.99
C VAL D 199 29.34 -25.78 -7.31
N PRO D 200 30.20 -26.76 -7.62
CA PRO D 200 29.71 -28.12 -7.88
C PRO D 200 29.08 -28.75 -6.65
N ASP D 201 28.16 -29.68 -6.90
CA ASP D 201 27.35 -30.28 -5.85
C ASP D 201 28.12 -31.24 -4.94
N ARG D 202 29.36 -31.57 -5.28
CA ARG D 202 30.13 -32.51 -4.46
C ARG D 202 30.56 -31.93 -3.12
N PHE D 203 30.58 -30.61 -3.00
CA PHE D 203 30.87 -29.96 -1.71
C PHE D 203 29.65 -30.05 -0.80
N SER D 204 29.90 -30.26 0.49
CA SER D 204 28.79 -30.30 1.45
C SER D 204 29.25 -29.74 2.78
N GLY D 205 28.30 -29.18 3.53
CA GLY D 205 28.61 -28.56 4.81
C GLY D 205 27.73 -29.04 5.96
N SER D 206 28.32 -29.66 6.97
CA SER D 206 27.58 -30.20 8.11
C SER D 206 28.19 -29.68 9.41
N GLY D 207 27.40 -29.02 10.22
CA GLY D 207 27.90 -28.49 11.48
C GLY D 207 26.88 -28.67 12.60
N SER D 208 27.41 -28.75 13.83
CA SER D 208 26.58 -28.90 15.03
C SER D 208 26.99 -27.85 16.07
N GLY D 209 26.61 -26.60 15.83
CA GLY D 209 26.85 -25.56 16.81
C GLY D 209 28.25 -24.99 16.87
N THR D 210 29.23 -25.79 17.33
CA THR D 210 30.59 -25.32 17.48
C THR D 210 31.62 -26.11 16.68
N ALA D 211 31.23 -27.22 16.06
CA ALA D 211 32.12 -28.03 15.27
C ALA D 211 31.53 -28.18 13.87
N PHE D 212 32.33 -27.89 12.85
CA PHE D 212 31.85 -27.86 11.48
C PHE D 212 32.75 -28.69 10.59
N THR D 213 32.15 -29.28 9.56
CA THR D 213 32.84 -30.14 8.62
C THR D 213 32.44 -29.76 7.20
N LEU D 214 33.44 -29.71 6.32
CA LEU D 214 33.25 -29.48 4.89
C LEU D 214 33.73 -30.73 4.18
N THR D 215 32.83 -31.38 3.45
CA THR D 215 33.10 -32.66 2.81
C THR D 215 33.23 -32.46 1.32
N ILE D 216 34.32 -32.96 0.76
CA ILE D 216 34.60 -32.94 -0.67
C ILE D 216 34.61 -34.39 -1.12
N SER D 217 33.50 -34.86 -1.67
CA SER D 217 33.47 -36.18 -2.30
C SER D 217 34.00 -36.07 -3.73
N ARG D 218 34.81 -37.07 -4.12
CA ARG D 218 35.37 -37.22 -5.47
C ARG D 218 36.19 -35.98 -5.87
N LEU D 219 37.30 -35.82 -5.16
CA LEU D 219 38.15 -34.64 -5.30
C LEU D 219 38.80 -34.60 -6.69
N GLU D 220 38.86 -33.38 -7.25
CA GLU D 220 39.45 -33.14 -8.55
C GLU D 220 40.68 -32.27 -8.42
N ALA D 221 41.37 -32.07 -9.55
CA ALA D 221 42.63 -31.35 -9.56
C ALA D 221 42.48 -29.86 -9.26
N GLU D 222 41.29 -29.29 -9.45
CA GLU D 222 41.06 -27.88 -9.16
C GLU D 222 40.50 -27.65 -7.76
N ASP D 223 40.57 -28.65 -6.89
CA ASP D 223 40.14 -28.51 -5.51
C ASP D 223 41.29 -28.26 -4.55
N VAL D 224 42.53 -28.28 -5.04
CA VAL D 224 43.67 -28.00 -4.17
C VAL D 224 43.73 -26.52 -3.87
N GLY D 225 44.32 -26.18 -2.73
CA GLY D 225 44.35 -24.81 -2.29
C GLY D 225 44.06 -24.74 -0.82
N VAL D 226 43.75 -23.53 -0.33
CA VAL D 226 43.60 -23.30 1.10
C VAL D 226 42.13 -23.03 1.40
N TYR D 227 41.58 -23.72 2.38
CA TYR D 227 40.18 -23.64 2.74
C TYR D 227 40.05 -22.88 4.06
N TYR D 228 39.24 -21.84 4.06
CA TYR D 228 39.05 -20.97 5.22
C TYR D 228 37.62 -21.06 5.71
N CYS D 229 37.45 -21.12 7.02
CA CYS D 229 36.14 -20.95 7.63
C CYS D 229 36.05 -19.56 8.25
N MET D 230 34.91 -18.92 8.08
CA MET D 230 34.65 -17.58 8.60
C MET D 230 33.34 -17.62 9.37
N GLN D 231 33.28 -16.90 10.49
CA GLN D 231 32.01 -16.69 11.14
C GLN D 231 31.43 -15.35 10.71
N HIS D 232 30.11 -15.26 10.71
CA HIS D 232 29.41 -14.00 10.44
C HIS D 232 28.34 -13.73 11.50
N LEU D 233 28.50 -14.31 12.69
CA LEU D 233 27.55 -14.09 13.76
C LEU D 233 27.69 -12.69 14.35
N GLU D 234 28.92 -12.26 14.60
CA GLU D 234 29.19 -11.01 15.29
C GLU D 234 30.33 -10.27 14.60
N TYR D 235 30.30 -8.96 14.67
CA TYR D 235 31.48 -8.23 14.25
C TYR D 235 32.46 -8.11 15.41
N PRO D 236 33.79 -8.20 15.18
CA PRO D 236 34.50 -8.37 13.91
C PRO D 236 34.43 -9.78 13.35
N LEU D 237 34.37 -9.88 12.02
CA LEU D 237 34.37 -11.19 11.37
C LEU D 237 35.76 -11.79 11.44
N THR D 238 35.84 -13.04 11.87
CA THR D 238 37.12 -13.70 12.06
C THR D 238 37.20 -14.94 11.19
N PHE D 239 38.40 -15.19 10.68
CA PHE D 239 38.66 -16.33 9.80
C PHE D 239 39.43 -17.40 10.55
N GLY D 240 39.42 -18.60 10.00
CA GLY D 240 40.32 -19.62 10.46
C GLY D 240 41.71 -19.41 9.89
N ALA D 241 42.65 -20.23 10.36
CA ALA D 241 44.01 -20.15 9.85
C ALA D 241 44.16 -20.79 8.47
N GLY D 242 43.17 -21.56 8.03
CA GLY D 242 43.21 -22.17 6.71
C GLY D 242 43.79 -23.56 6.72
N THR D 243 43.18 -24.46 5.96
CA THR D 243 43.65 -25.84 5.82
C THR D 243 44.03 -26.04 4.36
N LYS D 244 45.27 -26.45 4.12
CA LYS D 244 45.76 -26.58 2.76
C LYS D 244 45.59 -28.00 2.26
N LEU D 245 45.08 -28.14 1.03
CA LEU D 245 45.05 -29.40 0.31
C LEU D 245 46.03 -29.33 -0.85
N GLU D 246 46.83 -30.40 -0.99
CA GLU D 246 47.83 -30.51 -2.04
C GLU D 246 47.82 -31.94 -2.55
N LEU D 247 48.34 -32.11 -3.77
CA LEU D 247 48.33 -33.42 -4.42
C LEU D 247 49.37 -34.35 -3.80
N LYS D 248 49.37 -35.59 -4.30
CA LYS D 248 50.27 -36.69 -3.89
C LYS D 248 50.19 -36.98 -2.38
N THR E 4 17.49 -10.31 20.65
CA THR E 4 18.07 -9.30 19.78
C THR E 4 18.50 -9.93 18.45
N LEU E 5 18.84 -9.07 17.48
CA LEU E 5 19.09 -9.51 16.11
C LEU E 5 20.55 -9.86 15.91
N SER E 6 20.79 -10.73 14.93
CA SER E 6 22.15 -11.03 14.49
C SER E 6 22.62 -9.94 13.52
N ALA E 7 23.85 -10.12 13.00
CA ALA E 7 24.42 -9.13 12.10
C ALA E 7 23.70 -9.10 10.75
N GLU E 8 23.40 -10.27 10.20
CA GLU E 8 22.68 -10.34 8.94
C GLU E 8 21.24 -9.90 9.09
N ASP E 9 20.63 -10.13 10.25
CA ASP E 9 19.27 -9.63 10.51
C ASP E 9 19.25 -8.10 10.55
N LYS E 10 20.27 -7.51 11.18
CA LYS E 10 20.36 -6.05 11.26
C LYS E 10 20.56 -5.44 9.87
N ALA E 11 21.40 -6.07 9.05
CA ALA E 11 21.60 -5.57 7.70
C ALA E 11 20.36 -5.76 6.82
N ALA E 12 19.59 -6.83 7.06
CA ALA E 12 18.33 -7.00 6.34
C ALA E 12 17.30 -5.95 6.74
N VAL E 13 17.26 -5.58 8.03
CA VAL E 13 16.38 -4.52 8.49
C VAL E 13 16.78 -3.18 7.87
N GLU E 14 18.08 -2.94 7.75
CA GLU E 14 18.56 -1.72 7.13
C GLU E 14 18.20 -1.64 5.65
N ARG E 15 18.29 -2.79 4.95
CA ARG E 15 17.84 -2.85 3.55
C ARG E 15 16.35 -2.58 3.42
N SER E 16 15.56 -3.13 4.35
CA SER E 16 14.12 -2.90 4.36
C SER E 16 13.79 -1.43 4.59
N LYS E 17 14.55 -0.75 5.44
CA LYS E 17 14.28 0.67 5.68
C LYS E 17 14.70 1.54 4.50
N MET E 18 15.76 1.13 3.78
CA MET E 18 16.10 1.84 2.54
C MET E 18 15.01 1.68 1.49
N ILE E 19 14.44 0.48 1.40
CA ILE E 19 13.30 0.23 0.52
C ILE E 19 12.11 1.08 0.93
N ASP E 20 11.88 1.23 2.24
CA ASP E 20 10.79 2.07 2.74
C ASP E 20 10.97 3.53 2.33
N ARG E 21 12.20 4.04 2.40
CA ARG E 21 12.42 5.45 2.04
C ARG E 21 12.24 5.67 0.54
N ASN E 22 12.67 4.70 -0.27
CA ASN E 22 12.45 4.82 -1.72
C ASN E 22 10.96 4.74 -2.06
N LEU E 23 10.21 3.89 -1.36
CA LEU E 23 8.76 3.81 -1.56
C LEU E 23 8.07 5.11 -1.18
N ARG E 24 8.48 5.72 -0.07
CA ARG E 24 7.86 6.97 0.36
C ARG E 24 8.15 8.11 -0.61
N GLU E 25 9.38 8.19 -1.15
CA GLU E 25 9.68 9.21 -2.14
C GLU E 25 8.89 9.01 -3.44
N ASP E 26 8.80 7.76 -3.92
CA ASP E 26 8.01 7.49 -5.12
C ASP E 26 6.53 7.77 -4.90
N GLY E 27 6.03 7.51 -3.69
CA GLY E 27 4.65 7.84 -3.37
C GLY E 27 4.37 9.32 -3.37
N GLU E 28 5.30 10.13 -2.83
CA GLU E 28 5.14 11.58 -2.87
C GLU E 28 5.15 12.11 -4.30
N LYS E 29 6.08 11.61 -5.12
CA LYS E 29 6.16 12.03 -6.52
C LYS E 29 4.91 11.62 -7.30
N ALA E 30 4.35 10.45 -6.99
CA ALA E 30 3.09 10.03 -7.61
C ALA E 30 1.93 10.90 -7.16
N ALA E 31 1.89 11.25 -5.87
CA ALA E 31 0.83 12.09 -5.32
C ALA E 31 0.81 13.48 -5.94
N ARG E 32 1.96 14.04 -6.31
CA ARG E 32 1.94 15.38 -6.87
C ARG E 32 1.43 15.45 -8.31
N GLU E 33 1.16 14.34 -8.97
CA GLU E 33 0.68 14.35 -10.35
C GLU E 33 -0.85 14.35 -10.42
N VAL E 34 -1.36 14.72 -11.58
CA VAL E 34 -2.80 14.78 -11.87
C VAL E 34 -3.14 13.60 -12.77
N LYS E 35 -4.20 12.88 -12.43
CA LYS E 35 -4.62 11.70 -13.19
C LYS E 35 -5.99 11.96 -13.79
N LEU E 36 -6.08 11.81 -15.12
CA LEU E 36 -7.33 12.01 -15.85
C LEU E 36 -7.71 10.74 -16.57
N LEU E 37 -8.99 10.42 -16.54
CA LEU E 37 -9.51 9.24 -17.25
C LEU E 37 -10.24 9.71 -18.51
N LEU E 38 -9.78 9.28 -19.68
CA LEU E 38 -10.30 9.73 -20.94
C LEU E 38 -11.33 8.73 -21.45
N LEU E 39 -12.56 9.18 -21.66
CA LEU E 39 -13.65 8.33 -22.10
C LEU E 39 -14.37 8.97 -23.27
N GLY E 40 -15.12 8.15 -24.00
CA GLY E 40 -15.90 8.62 -25.11
C GLY E 40 -16.19 7.50 -26.07
N ALA E 41 -17.12 7.78 -26.98
CA ALA E 41 -17.46 6.83 -28.03
C ALA E 41 -16.31 6.75 -29.04
N GLY E 42 -16.30 5.66 -29.79
CA GLY E 42 -15.31 5.51 -30.85
C GLY E 42 -15.48 6.56 -31.93
N GLU E 43 -14.33 7.09 -32.38
CA GLU E 43 -14.24 8.13 -33.42
C GLU E 43 -15.01 9.39 -33.04
N SER E 44 -14.98 9.74 -31.76
CA SER E 44 -15.66 10.93 -31.25
C SER E 44 -14.71 12.10 -31.02
N GLY E 45 -13.49 12.03 -31.56
CA GLY E 45 -12.52 13.08 -31.37
C GLY E 45 -11.54 12.88 -30.23
N LYS E 46 -11.50 11.68 -29.65
CA LYS E 46 -10.55 11.39 -28.57
C LYS E 46 -9.11 11.49 -29.05
N ASN E 47 -8.83 11.00 -30.26
CA ASN E 47 -7.48 11.04 -30.81
C ASN E 47 -7.01 12.47 -31.05
N THR E 48 -7.91 13.33 -31.54
CA THR E 48 -7.58 14.75 -31.71
C THR E 48 -7.29 15.40 -30.36
N ILE E 49 -8.05 15.03 -29.33
CA ILE E 49 -7.81 15.53 -27.98
C ILE E 49 -6.44 15.09 -27.48
N VAL E 50 -6.07 13.83 -27.72
CA VAL E 50 -4.76 13.32 -27.30
C VAL E 50 -3.62 14.07 -28.00
N LYS E 51 -3.78 14.32 -29.32
CA LYS E 51 -2.78 15.08 -30.05
C LYS E 51 -2.67 16.52 -29.55
N GLN E 52 -3.80 17.14 -29.20
CA GLN E 52 -3.76 18.49 -28.64
C GLN E 52 -3.10 18.53 -27.26
N MET E 53 -3.45 17.58 -26.39
CA MET E 53 -2.87 17.54 -25.04
C MET E 53 -1.37 17.24 -25.07
N LYS E 54 -0.94 16.37 -25.99
CA LYS E 54 0.46 15.93 -26.02
C LYS E 54 1.43 17.08 -26.27
N ILE E 55 1.11 17.94 -27.24
CA ILE E 55 1.95 19.08 -27.59
C ILE E 55 1.98 20.11 -26.46
N THR E 182 -2.93 -2.31 -28.27
CA THR E 182 -3.89 -2.90 -27.35
C THR E 182 -3.61 -2.47 -25.91
N GLY E 183 -4.54 -2.78 -25.02
CA GLY E 183 -4.37 -2.42 -23.62
C GLY E 183 -4.75 -0.98 -23.34
N ILE E 184 -4.18 -0.46 -22.25
CA ILE E 184 -4.47 0.89 -21.77
C ILE E 184 -3.40 1.84 -22.29
N VAL E 185 -3.81 2.78 -23.15
CA VAL E 185 -2.90 3.82 -23.59
C VAL E 185 -2.73 4.84 -22.48
N GLU E 186 -1.49 5.27 -22.24
CA GLU E 186 -1.17 6.15 -21.12
C GLU E 186 -0.30 7.28 -21.61
N THR E 187 -0.85 8.50 -21.62
CA THR E 187 -0.18 9.67 -22.19
C THR E 187 0.21 10.64 -21.08
N HIS E 188 1.48 11.01 -21.04
CA HIS E 188 1.95 12.03 -20.12
C HIS E 188 2.08 13.37 -20.84
N PHE E 189 1.83 14.45 -20.11
CA PHE E 189 2.29 15.77 -20.55
C PHE E 189 2.46 16.67 -19.34
N THR E 190 3.10 17.81 -19.57
CA THR E 190 3.35 18.80 -18.54
C THR E 190 2.89 20.17 -19.04
N PHE E 191 2.13 20.87 -18.22
CA PHE E 191 1.60 22.19 -18.58
C PHE E 191 1.63 23.07 -17.34
N LYS E 192 2.30 24.22 -17.45
CA LYS E 192 2.43 25.24 -16.41
C LYS E 192 2.91 24.65 -15.09
N ASP E 193 3.97 23.83 -15.19
CA ASP E 193 4.61 23.11 -14.08
C ASP E 193 3.64 22.16 -13.38
N LEU E 194 2.67 21.63 -14.11
CA LEU E 194 1.76 20.64 -13.57
C LEU E 194 1.77 19.41 -14.47
N HIS E 195 2.01 18.24 -13.88
CA HIS E 195 2.12 17.00 -14.64
C HIS E 195 0.78 16.29 -14.71
N PHE E 196 0.47 15.77 -15.90
CA PHE E 196 -0.80 15.11 -16.18
C PHE E 196 -0.51 13.75 -16.78
N LYS E 197 -1.06 12.70 -16.16
CA LYS E 197 -1.23 11.41 -16.79
C LYS E 197 -2.67 11.30 -17.27
N MET E 198 -2.85 10.77 -18.47
CA MET E 198 -4.16 10.60 -19.06
C MET E 198 -4.28 9.17 -19.54
N PHE E 199 -5.35 8.48 -19.11
CA PHE E 199 -5.50 7.07 -19.39
C PHE E 199 -6.65 6.87 -20.37
N ASP E 200 -6.32 6.34 -21.55
CA ASP E 200 -7.29 5.98 -22.55
C ASP E 200 -7.52 4.47 -22.48
N VAL E 201 -8.79 4.09 -22.29
CA VAL E 201 -9.16 2.70 -22.09
C VAL E 201 -10.11 2.26 -23.19
N GLY E 202 -10.05 2.94 -24.35
CA GLY E 202 -10.97 2.65 -25.43
C GLY E 202 -10.72 1.31 -26.12
N ALA E 203 -9.50 0.78 -26.00
CA ALA E 203 -9.16 -0.50 -26.60
C ALA E 203 -9.60 -1.70 -25.78
N GLN E 204 -10.14 -1.48 -24.58
CA GLN E 204 -10.65 -2.57 -23.76
C GLN E 204 -12.06 -2.93 -24.22
N ARG E 205 -12.19 -4.07 -24.89
CA ARG E 205 -13.48 -4.58 -25.33
C ARG E 205 -14.17 -5.42 -24.26
N SER E 206 -13.48 -5.71 -23.15
CA SER E 206 -14.03 -6.47 -22.05
C SER E 206 -15.03 -5.63 -21.27
N GLU E 207 -15.73 -6.27 -20.34
CA GLU E 207 -16.80 -5.62 -19.60
C GLU E 207 -16.25 -4.56 -18.64
N ARG E 208 -16.91 -3.40 -18.63
CA ARG E 208 -16.36 -2.22 -18.00
C ARG E 208 -16.37 -2.30 -16.48
N LYS E 209 -17.41 -2.92 -15.92
CA LYS E 209 -17.59 -2.93 -14.47
C LYS E 209 -16.63 -3.89 -13.77
N LYS E 210 -15.82 -4.64 -14.51
CA LYS E 210 -14.77 -5.45 -13.93
C LYS E 210 -13.52 -4.65 -13.64
N TRP E 211 -13.32 -3.51 -14.30
CA TRP E 211 -12.09 -2.75 -14.15
C TRP E 211 -12.28 -1.25 -13.96
N ILE E 212 -13.51 -0.76 -13.92
CA ILE E 212 -13.69 0.69 -13.80
C ILE E 212 -13.36 1.18 -12.39
N HIS E 213 -13.46 0.30 -11.39
CA HIS E 213 -13.11 0.65 -10.02
C HIS E 213 -11.63 0.88 -9.83
N CYS E 214 -10.80 0.46 -10.80
CA CYS E 214 -9.39 0.80 -10.79
C CYS E 214 -9.14 2.29 -10.94
N PHE E 215 -10.10 3.03 -11.50
CA PHE E 215 -9.92 4.47 -11.72
C PHE E 215 -10.71 5.30 -10.72
N GLU E 216 -10.91 4.78 -9.51
CA GLU E 216 -11.75 5.44 -8.52
C GLU E 216 -11.15 6.75 -8.03
N GLY E 217 -9.82 6.82 -7.95
CA GLY E 217 -9.19 8.00 -7.40
C GLY E 217 -8.64 8.99 -8.39
N VAL E 218 -9.18 9.02 -9.62
CA VAL E 218 -8.68 9.98 -10.60
C VAL E 218 -9.16 11.39 -10.26
N THR E 219 -8.42 12.37 -10.77
CA THR E 219 -8.79 13.76 -10.51
C THR E 219 -10.05 14.15 -11.28
N ALA E 220 -10.11 13.79 -12.56
CA ALA E 220 -11.28 14.13 -13.37
C ALA E 220 -11.43 13.12 -14.50
N ILE E 221 -12.63 13.11 -15.08
CA ILE E 221 -12.95 12.29 -16.23
C ILE E 221 -13.15 13.23 -17.41
N ILE E 222 -12.33 13.09 -18.45
CA ILE E 222 -12.50 13.85 -19.67
C ILE E 222 -13.35 13.02 -20.62
N PHE E 223 -14.55 13.52 -20.92
CA PHE E 223 -15.52 12.80 -21.74
C PHE E 223 -15.65 13.52 -23.07
N CYS E 224 -15.41 12.82 -24.17
CA CYS E 224 -15.47 13.39 -25.51
C CYS E 224 -16.75 12.96 -26.20
N VAL E 225 -17.49 13.94 -26.74
CA VAL E 225 -18.72 13.69 -27.48
C VAL E 225 -18.63 14.45 -28.79
N ALA E 226 -18.81 13.75 -29.91
CA ALA E 226 -18.84 14.40 -31.21
C ALA E 226 -20.23 14.98 -31.46
N LEU E 227 -20.29 16.27 -31.79
CA LEU E 227 -21.58 16.89 -32.09
C LEU E 227 -22.09 16.47 -33.45
N SER E 228 -21.18 16.23 -34.40
CA SER E 228 -21.53 15.88 -35.77
C SER E 228 -22.20 14.51 -35.86
N ASP E 229 -22.16 13.72 -34.80
CA ASP E 229 -22.84 12.43 -34.71
C ASP E 229 -24.30 12.57 -34.34
N TYR E 230 -24.86 13.78 -34.34
CA TYR E 230 -26.27 13.93 -33.99
C TYR E 230 -27.21 13.39 -35.06
N ASP E 231 -26.71 13.05 -36.25
CA ASP E 231 -27.52 12.53 -37.32
C ASP E 231 -27.00 11.22 -37.89
N LEU E 232 -25.89 10.70 -37.36
CA LEU E 232 -25.23 9.53 -37.91
C LEU E 232 -25.66 8.30 -37.13
N VAL E 233 -26.18 7.30 -37.84
CA VAL E 233 -26.58 6.06 -37.21
C VAL E 233 -25.34 5.25 -36.85
N LEU E 234 -25.46 4.41 -35.82
CA LEU E 234 -24.36 3.51 -35.46
C LEU E 234 -24.12 2.49 -36.57
N ALA E 235 -22.84 2.20 -36.81
CA ALA E 235 -22.49 1.22 -37.83
C ALA E 235 -22.57 -0.20 -37.30
N GLU E 236 -22.40 -0.39 -35.99
CA GLU E 236 -22.54 -1.72 -35.41
C GLU E 236 -24.00 -2.14 -35.33
N ASP E 237 -24.86 -1.26 -34.84
CA ASP E 237 -26.28 -1.55 -34.67
C ASP E 237 -27.10 -0.61 -35.54
N GLU E 238 -27.97 -1.19 -36.36
CA GLU E 238 -28.84 -0.41 -37.22
C GLU E 238 -29.94 0.29 -36.43
N GLU E 239 -30.35 1.46 -36.92
CA GLU E 239 -31.45 2.27 -36.39
C GLU E 239 -31.22 2.70 -34.94
N MET E 240 -29.96 2.89 -34.56
CA MET E 240 -29.60 3.41 -33.24
C MET E 240 -28.64 4.56 -33.47
N ASN E 241 -28.88 5.68 -32.80
CA ASN E 241 -28.14 6.89 -33.08
C ASN E 241 -26.89 6.97 -32.21
N ARG E 242 -25.83 7.56 -32.79
CA ARG E 242 -24.58 7.70 -32.07
C ARG E 242 -24.69 8.69 -30.92
N MET E 243 -25.56 9.70 -31.06
CA MET E 243 -25.70 10.70 -30.02
C MET E 243 -26.42 10.13 -28.81
N HIS E 244 -27.46 9.33 -29.04
CA HIS E 244 -28.13 8.60 -27.96
C HIS E 244 -27.19 7.61 -27.29
N ALA E 245 -26.31 6.97 -28.06
CA ALA E 245 -25.35 6.05 -27.48
C ALA E 245 -24.33 6.78 -26.62
N SER E 246 -23.94 7.98 -27.03
CA SER E 246 -23.02 8.77 -26.22
C SER E 246 -23.71 9.32 -24.98
N MET E 247 -25.01 9.63 -25.08
CA MET E 247 -25.77 10.03 -23.90
C MET E 247 -25.94 8.88 -22.92
N LYS E 248 -26.09 7.65 -23.43
CA LYS E 248 -26.22 6.50 -22.54
C LYS E 248 -24.88 6.17 -21.88
N LEU E 249 -23.78 6.35 -22.61
CA LEU E 249 -22.46 6.16 -22.01
C LEU E 249 -22.16 7.22 -20.95
N PHE E 250 -22.52 8.48 -21.24
CA PHE E 250 -22.33 9.56 -20.28
C PHE E 250 -23.20 9.36 -19.04
N ASP E 251 -24.41 8.85 -19.23
CA ASP E 251 -25.29 8.57 -18.09
C ASP E 251 -24.74 7.42 -17.25
N SER E 252 -24.14 6.42 -17.90
CA SER E 252 -23.54 5.32 -17.16
C SER E 252 -22.31 5.76 -16.37
N ILE E 253 -21.49 6.64 -16.94
CA ILE E 253 -20.26 7.06 -16.27
C ILE E 253 -20.55 8.07 -15.18
N CYS E 254 -21.32 9.12 -15.50
CA CYS E 254 -21.59 10.21 -14.55
C CYS E 254 -22.30 9.73 -13.29
N ASN E 255 -23.16 8.73 -13.39
CA ASN E 255 -23.92 8.23 -12.25
C ASN E 255 -23.37 6.94 -11.69
N ASN E 256 -22.17 6.55 -12.12
CA ASN E 256 -21.51 5.36 -11.59
C ASN E 256 -21.18 5.54 -10.11
N LYS E 257 -21.31 4.46 -9.34
CA LYS E 257 -21.09 4.53 -7.90
C LYS E 257 -19.64 4.79 -7.52
N TRP E 258 -18.69 4.58 -8.43
CA TRP E 258 -17.29 4.84 -8.16
C TRP E 258 -16.90 6.30 -8.41
N PHE E 259 -17.72 7.04 -9.15
CA PHE E 259 -17.41 8.41 -9.55
C PHE E 259 -18.42 9.40 -9.01
N THR E 260 -18.84 9.23 -7.75
CA THR E 260 -19.85 10.12 -7.18
C THR E 260 -19.30 11.53 -6.99
N ASP E 261 -18.07 11.65 -6.51
CA ASP E 261 -17.45 12.95 -6.29
C ASP E 261 -16.57 13.41 -7.44
N THR E 262 -16.20 12.52 -8.36
CA THR E 262 -15.32 12.87 -9.45
C THR E 262 -16.00 13.82 -10.43
N SER E 263 -15.27 14.83 -10.89
CA SER E 263 -15.82 15.80 -11.81
C SER E 263 -15.56 15.37 -13.25
N ILE E 264 -16.33 15.94 -14.16
CA ILE E 264 -16.31 15.59 -15.57
C ILE E 264 -16.03 16.83 -16.38
N ILE E 265 -14.99 16.77 -17.20
CA ILE E 265 -14.69 17.77 -18.20
C ILE E 265 -15.25 17.26 -19.52
N LEU E 266 -16.29 17.92 -20.03
CA LEU E 266 -16.99 17.46 -21.22
C LEU E 266 -16.51 18.26 -22.42
N PHE E 267 -16.02 17.57 -23.44
CA PHE E 267 -15.58 18.18 -24.67
C PHE E 267 -16.56 17.84 -25.78
N LEU E 268 -17.18 18.85 -26.37
CA LEU E 268 -18.06 18.70 -27.52
C LEU E 268 -17.22 19.01 -28.75
N ASN E 269 -16.79 17.96 -29.45
CA ASN E 269 -15.92 18.07 -30.60
C ASN E 269 -16.69 18.31 -31.89
N LYS E 270 -15.94 18.70 -32.92
CA LYS E 270 -16.40 18.91 -34.31
C LYS E 270 -17.57 19.88 -34.39
N LYS E 271 -17.35 21.10 -33.88
CA LYS E 271 -18.41 22.09 -33.88
C LYS E 271 -18.54 22.81 -35.22
N ASP E 272 -17.51 22.77 -36.06
CA ASP E 272 -17.62 23.39 -37.39
C ASP E 272 -18.34 22.46 -38.35
N LEU E 273 -18.06 21.17 -38.28
CA LEU E 273 -18.85 20.18 -39.02
C LEU E 273 -20.29 20.14 -38.53
N PHE E 274 -20.49 20.35 -37.22
CA PHE E 274 -21.85 20.45 -36.69
C PHE E 274 -22.56 21.70 -37.19
N GLU E 275 -21.82 22.80 -37.37
CA GLU E 275 -22.45 24.01 -37.88
C GLU E 275 -22.75 23.89 -39.37
N GLU E 276 -21.92 23.15 -40.10
CA GLU E 276 -22.22 22.84 -41.49
C GLU E 276 -23.45 21.94 -41.62
N LYS E 277 -23.55 20.92 -40.77
CA LYS E 277 -24.67 19.99 -40.86
C LYS E 277 -25.98 20.61 -40.37
N ILE E 278 -25.92 21.51 -39.38
CA ILE E 278 -27.13 22.08 -38.79
C ILE E 278 -27.86 23.02 -39.74
N LYS E 279 -27.26 23.40 -40.86
CA LYS E 279 -27.97 24.23 -41.83
C LYS E 279 -28.87 23.39 -42.72
N LYS E 280 -28.44 22.18 -43.07
CA LYS E 280 -29.21 21.30 -43.93
C LYS E 280 -30.02 20.26 -43.16
N SER E 281 -29.45 19.66 -42.12
CA SER E 281 -30.14 18.64 -41.35
C SER E 281 -30.54 19.20 -39.99
N PRO E 282 -31.81 19.19 -39.63
CA PRO E 282 -32.23 19.75 -38.34
C PRO E 282 -31.92 18.83 -37.18
N LEU E 283 -31.97 19.40 -35.98
CA LEU E 283 -31.74 18.63 -34.76
C LEU E 283 -32.93 17.74 -34.40
N THR E 284 -34.10 18.01 -34.99
CA THR E 284 -35.32 17.29 -34.66
C THR E 284 -35.30 15.81 -35.01
N ILE E 285 -34.35 15.37 -35.85
CA ILE E 285 -34.27 13.94 -36.15
C ILE E 285 -33.61 13.16 -35.04
N CYS E 286 -32.88 13.82 -34.15
CA CYS E 286 -32.31 13.20 -32.96
C CYS E 286 -33.15 13.50 -31.72
N TYR E 287 -33.49 14.77 -31.52
CA TYR E 287 -34.32 15.20 -30.39
C TYR E 287 -35.64 15.69 -30.97
N PRO E 288 -36.66 14.83 -31.05
CA PRO E 288 -37.96 15.26 -31.61
C PRO E 288 -38.68 16.29 -30.75
N GLU E 289 -38.38 16.39 -29.47
CA GLU E 289 -38.98 17.39 -28.60
C GLU E 289 -38.27 18.74 -28.66
N TYR E 290 -37.37 18.94 -29.62
CA TYR E 290 -36.68 20.21 -29.77
C TYR E 290 -37.65 21.26 -30.30
N ALA E 291 -37.66 22.42 -29.64
CA ALA E 291 -38.57 23.50 -30.01
C ALA E 291 -37.84 24.75 -30.50
N GLY E 292 -36.51 24.68 -30.65
CA GLY E 292 -35.75 25.79 -31.16
C GLY E 292 -35.53 25.72 -32.65
N SER E 293 -34.75 26.68 -33.15
CA SER E 293 -34.48 26.78 -34.57
C SER E 293 -33.22 26.00 -34.94
N ASN E 294 -32.90 25.97 -36.23
CA ASN E 294 -31.75 25.25 -36.74
C ASN E 294 -30.46 26.05 -36.71
N THR E 295 -30.43 27.16 -35.97
CA THR E 295 -29.19 27.91 -35.82
C THR E 295 -28.23 27.14 -34.92
N TYR E 296 -26.93 27.41 -35.14
CA TYR E 296 -25.84 26.75 -34.42
C TYR E 296 -25.97 26.84 -32.90
N GLU E 297 -26.03 28.07 -32.37
CA GLU E 297 -25.92 28.32 -30.94
C GLU E 297 -27.06 27.69 -30.14
N GLU E 298 -28.29 27.78 -30.64
CA GLU E 298 -29.44 27.21 -29.93
C GLU E 298 -29.36 25.69 -29.87
N ALA E 299 -29.00 25.05 -30.98
CA ALA E 299 -28.87 23.59 -31.00
C ALA E 299 -27.72 23.12 -30.12
N ALA E 300 -26.58 23.83 -30.16
CA ALA E 300 -25.44 23.48 -29.33
C ALA E 300 -25.76 23.63 -27.85
N ALA E 301 -26.47 24.71 -27.50
CA ALA E 301 -26.91 24.90 -26.11
C ALA E 301 -27.90 23.81 -25.70
N TYR E 302 -28.74 23.37 -26.62
CA TYR E 302 -29.68 22.28 -26.33
C TYR E 302 -28.96 20.97 -26.04
N ILE E 303 -27.96 20.62 -26.86
CA ILE E 303 -27.19 19.40 -26.63
C ILE E 303 -26.40 19.48 -25.32
N GLN E 304 -25.86 20.67 -25.02
CA GLN E 304 -25.14 20.88 -23.76
C GLN E 304 -26.06 20.74 -22.57
N CYS E 305 -27.27 21.30 -22.66
CA CYS E 305 -28.25 21.21 -21.58
C CYS E 305 -28.71 19.78 -21.37
N GLN E 306 -28.88 19.00 -22.44
CA GLN E 306 -29.32 17.61 -22.25
C GLN E 306 -28.21 16.75 -21.67
N PHE E 307 -26.96 17.09 -21.97
CA PHE E 307 -25.87 16.34 -21.38
C PHE E 307 -25.68 16.72 -19.92
N GLU E 308 -25.86 17.98 -19.58
CA GLU E 308 -25.73 18.38 -18.20
C GLU E 308 -26.95 18.00 -17.36
N ASP E 309 -28.12 17.79 -17.96
CA ASP E 309 -29.23 17.29 -17.16
C ASP E 309 -29.24 15.77 -17.06
N LEU E 310 -28.33 15.08 -17.76
CA LEU E 310 -28.16 13.67 -17.41
C LEU E 310 -27.46 13.47 -16.06
N ASN E 311 -26.87 14.52 -15.48
CA ASN E 311 -26.22 14.45 -14.18
C ASN E 311 -27.27 14.37 -13.08
N LYS E 312 -27.36 13.22 -12.42
CA LYS E 312 -28.25 13.10 -11.27
C LYS E 312 -27.69 13.78 -10.03
N ARG E 313 -26.40 13.60 -9.74
CA ARG E 313 -25.78 14.13 -8.53
C ARG E 313 -25.22 15.53 -8.84
N LYS E 314 -26.14 16.49 -8.93
CA LYS E 314 -25.76 17.88 -9.20
C LYS E 314 -24.96 18.48 -8.05
N ASP E 315 -25.30 18.12 -6.80
CA ASP E 315 -24.68 18.76 -5.65
C ASP E 315 -23.22 18.32 -5.45
N THR E 316 -22.95 17.02 -5.54
CA THR E 316 -21.63 16.51 -5.18
C THR E 316 -20.59 16.69 -6.27
N LYS E 317 -20.97 16.80 -7.54
CA LYS E 317 -20.01 16.93 -8.61
C LYS E 317 -20.39 18.08 -9.54
N GLU E 318 -19.37 18.58 -10.23
CA GLU E 318 -19.52 19.65 -11.21
C GLU E 318 -19.14 19.13 -12.59
N ILE E 319 -19.81 19.65 -13.61
CA ILE E 319 -19.53 19.29 -15.00
C ILE E 319 -19.08 20.54 -15.71
N TYR E 320 -17.89 20.47 -16.31
CA TYR E 320 -17.32 21.59 -17.05
C TYR E 320 -17.41 21.25 -18.53
N THR E 321 -17.88 22.19 -19.34
CA THR E 321 -18.18 21.94 -20.74
C THR E 321 -17.39 22.91 -21.59
N HIS E 322 -16.71 22.39 -22.60
CA HIS E 322 -15.93 23.21 -23.51
C HIS E 322 -16.13 22.70 -24.94
N PHE E 323 -16.06 23.61 -25.88
CA PHE E 323 -16.20 23.29 -27.29
C PHE E 323 -14.82 23.19 -27.91
N THR E 324 -14.71 22.39 -28.97
CA THR E 324 -13.46 22.16 -29.67
C THR E 324 -12.85 23.46 -30.22
N CYS E 325 -11.52 23.47 -30.29
CA CYS E 325 -10.78 24.57 -30.90
C CYS E 325 -9.67 23.98 -31.76
N SER E 326 -9.64 24.38 -33.03
CA SER E 326 -8.72 23.81 -34.02
C SER E 326 -7.42 24.60 -34.00
N THR E 327 -6.41 24.05 -33.29
CA THR E 327 -5.02 24.48 -33.13
C THR E 327 -4.88 25.68 -32.22
N ASP E 328 -5.99 26.21 -31.67
CA ASP E 328 -5.93 27.32 -30.74
C ASP E 328 -5.19 26.96 -29.45
N THR E 329 -5.28 25.67 -29.05
CA THR E 329 -4.69 25.07 -27.85
C THR E 329 -5.36 25.56 -26.57
N LYS E 330 -6.58 26.10 -26.67
CA LYS E 330 -7.38 26.51 -25.52
C LYS E 330 -7.98 25.31 -24.75
N ASN E 331 -7.67 24.08 -25.15
CA ASN E 331 -8.22 22.90 -24.49
C ASN E 331 -7.31 22.40 -23.40
N VAL E 332 -5.99 22.52 -23.60
CA VAL E 332 -5.06 22.24 -22.52
C VAL E 332 -5.22 23.29 -21.43
N GLN E 333 -5.46 24.53 -21.83
CA GLN E 333 -5.78 25.60 -20.88
C GLN E 333 -7.08 25.35 -20.15
N PHE E 334 -8.12 24.86 -20.86
CA PHE E 334 -9.38 24.58 -20.19
C PHE E 334 -9.25 23.44 -19.20
N VAL E 335 -8.52 22.39 -19.58
CA VAL E 335 -8.27 21.28 -18.65
C VAL E 335 -7.48 21.75 -17.44
N PHE E 336 -6.49 22.62 -17.65
CA PHE E 336 -5.73 23.21 -16.55
C PHE E 336 -6.62 24.00 -15.59
N ASP E 337 -7.49 24.86 -16.13
CA ASP E 337 -8.39 25.64 -15.30
C ASP E 337 -9.38 24.77 -14.53
N ALA E 338 -9.96 23.76 -15.20
CA ALA E 338 -10.92 22.89 -14.54
C ALA E 338 -10.26 22.03 -13.47
N VAL E 339 -9.04 21.55 -13.72
CA VAL E 339 -8.31 20.77 -12.73
C VAL E 339 -7.91 21.65 -11.55
N THR E 340 -7.55 22.92 -11.80
CA THR E 340 -7.27 23.84 -10.72
C THR E 340 -8.49 24.11 -9.85
N ASP E 341 -9.67 24.23 -10.49
CA ASP E 341 -10.92 24.38 -9.73
C ASP E 341 -11.21 23.13 -8.91
N VAL E 342 -10.98 21.94 -9.46
CA VAL E 342 -11.20 20.69 -8.74
C VAL E 342 -10.25 20.57 -7.55
N ILE E 343 -8.99 20.97 -7.74
CA ILE E 343 -7.99 20.91 -6.67
C ILE E 343 -8.34 21.92 -5.56
N ILE E 344 -8.84 23.11 -5.94
CA ILE E 344 -9.29 24.09 -4.96
C ILE E 344 -10.46 23.56 -4.14
N LYS E 345 -11.43 22.93 -4.80
CA LYS E 345 -12.57 22.36 -4.09
C LYS E 345 -12.16 21.20 -3.19
N ASN E 346 -11.18 20.41 -3.63
CA ASN E 346 -10.68 19.31 -2.81
C ASN E 346 -9.94 19.83 -1.57
N ASN E 347 -9.18 20.92 -1.74
CA ASN E 347 -8.50 21.53 -0.59
C ASN E 347 -9.50 22.16 0.37
N LEU E 348 -10.58 22.74 -0.16
CA LEU E 348 -11.63 23.29 0.70
C LEU E 348 -12.35 22.19 1.48
N LYS E 349 -12.53 21.03 0.85
CA LYS E 349 -13.12 19.90 1.58
C LYS E 349 -12.15 19.33 2.61
N ASP E 350 -10.86 19.32 2.30
CA ASP E 350 -9.85 18.83 3.25
C ASP E 350 -9.74 19.75 4.47
N CYS E 351 -9.77 21.06 4.25
CA CYS E 351 -9.63 22.02 5.34
C CYS E 351 -10.91 22.20 6.15
N GLY E 352 -11.99 21.52 5.79
CA GLY E 352 -13.23 21.59 6.54
C GLY E 352 -14.12 22.76 6.21
N LEU E 353 -13.71 23.65 5.31
CA LEU E 353 -14.56 24.79 4.95
C LEU E 353 -15.71 24.40 4.05
N PHE E 354 -15.62 23.27 3.35
CA PHE E 354 -16.65 22.87 2.41
C PHE E 354 -17.07 21.43 2.66
C01 IXO F . -8.26 33.69 31.58
N02 IXO F . -9.22 33.79 30.51
C03 IXO F . -10.45 33.14 30.92
C04 IXO F . -9.53 35.19 30.25
C05 IXO F . -8.70 33.17 29.32
C06 IXO F . -7.46 33.91 28.79
C07 IXO F . -6.50 34.44 28.34
C08 IXO F . -5.26 35.12 27.77
O09 IXO F . -4.97 34.65 26.49
C10 IXO F . -5.77 35.26 25.53
N11 IXO F . -6.12 36.67 25.66
O12 IXO F . -6.83 37.07 24.58
C13 IXO F . -6.49 36.03 23.50
C14 IXO F . -5.66 34.92 24.25
N1 IUI G . -10.28 42.03 40.19
C7 IUI G . -13.18 37.75 40.14
C8 IUI G . -14.20 36.47 41.95
N2 IUI G . -13.41 37.58 41.44
C9 IUI G . -15.69 36.68 41.80
O1 IUI G . -20.51 37.28 39.97
C1 IUI G . -9.45 40.58 37.97
C5 IUI G . -11.30 38.87 38.72
C6 IUI G . -12.21 38.81 39.77
N3 IUI G . -11.20 37.90 37.78
C4 IUI G . -10.50 40.08 38.77
C3 IUI G . -10.86 40.87 39.88
C2 IUI G . -8.88 41.81 38.36
N IUI G . -9.29 42.49 39.42
C IUI G . -8.95 39.90 36.72
O IUI G . -13.73 37.08 39.27
C10 IUI G . -16.40 37.49 42.66
C11 IUI G . -17.78 37.64 42.54
C12 IUI G . -18.44 36.97 41.52
C13 IUI G . -17.74 36.16 40.64
C14 IUI G . -16.38 36.02 40.79
C15 IUI G . -20.93 35.52 41.86
C16 IUI G . -7.73 42.42 37.62
F IUI G . -21.75 35.69 42.87
F1 IUI G . -21.61 34.99 40.85
F2 IUI G . -20.00 34.66 42.21
O2 IUI G . -20.67 38.08 42.31
S IUI G . -12.13 40.17 40.83
S1 IUI G . -20.18 37.14 41.35
#